data_6CMM
#
_entry.id   6CMM
#
_cell.length_a   92.058
_cell.length_b   95.753
_cell.length_c   192.833
_cell.angle_alpha   90.00
_cell.angle_beta   90.00
_cell.angle_gamma   90.00
#
_symmetry.space_group_name_H-M   'P 21 21 21'
#
loop_
_entity.id
_entity.type
_entity.pdbx_description
1 polymer 'Serine/threonine-protein kinase VRK1'
2 non-polymer 'ACETATE ION'
3 non-polymer (7R)-2-[(3,5-difluoro-4-hydroxyphenyl)amino]-7-methyl-5,8-di(prop-2-yn-1-yl)-7,8-dihydropteridin-6(5H)-one
4 non-polymer 'SULFATE ION'
5 non-polymer DI(HYDROXYETHYL)ETHER
6 water water
#
_entity_poly.entity_id   1
_entity_poly.type   'polypeptide(L)'
_entity_poly.pdbx_seq_one_letter_code
;SMRVKAAQAGRQSSAKRHLAEQFAVGEIITDMAAAAWKVGLPIGQGGFGCIYLADMNSSESVGSDAPCVVKVEPSDNGPL
FTELKFYQRAAKPEQIQKWIRTRKLKYLGVPKYWGSGLHDKNGKSYRFMIMDRFGSDLQKIYEANAKRFSRKTVLQLSLR
ILDILEYIHEHEYVHGDIKASNLLLNYKNPDQVYLVDYGLAYRYCPEGVHKAYAADPKRCHDGTIEFTSIDAHNGVAPSR
RGDLEILGYCMIQWLTGHLPWEDNLKDPKYVRDSKIRYRENIASLMDKCFPAANAPGEIAKYMETVKLLDYTEKPLYENL
RDILLQGLKAIGSKDDGKLDLSVVENGGLKAKTITKKRAAEIEE
;
_entity_poly.pdbx_strand_id   A,B,C,D
#
# COMPACT_ATOMS: atom_id res chain seq x y z
N ALA A 20 -14.91 47.45 31.55
CA ALA A 20 -14.41 46.58 32.66
C ALA A 20 -12.88 46.56 32.71
N GLU A 21 -12.31 46.86 33.88
CA GLU A 21 -10.87 46.64 34.07
C GLU A 21 -10.70 45.23 34.58
N GLN A 22 -9.91 44.42 33.89
CA GLN A 22 -9.72 43.03 34.30
C GLN A 22 -8.59 42.93 35.34
N PHE A 23 -7.62 43.84 35.28
CA PHE A 23 -6.49 43.86 36.20
C PHE A 23 -6.35 45.20 36.93
N ALA A 24 -5.70 45.14 38.09
CA ALA A 24 -5.10 46.33 38.72
C ALA A 24 -3.68 46.34 38.16
N VAL A 25 -3.30 47.45 37.57
CA VAL A 25 -2.00 47.57 36.92
C VAL A 25 -0.87 47.35 37.94
N GLY A 26 0.10 46.53 37.53
CA GLY A 26 1.19 46.13 38.43
C GLY A 26 0.92 44.93 39.34
N GLU A 27 -0.28 44.34 39.32
CA GLU A 27 -0.56 43.19 40.17
C GLU A 27 0.19 41.96 39.69
N ILE A 28 0.39 41.03 40.59
CA ILE A 28 1.08 39.79 40.32
C ILE A 28 0.01 38.73 40.08
N ILE A 29 0.07 38.04 38.96
CA ILE A 29 -0.87 36.92 38.76
C ILE A 29 -0.08 35.59 38.63
N THR A 30 -0.64 34.51 39.19
CA THR A 30 -0.03 33.20 39.23
C THR A 30 -0.80 32.25 38.31
N ASP A 31 -0.08 31.59 37.40
CA ASP A 31 -0.71 30.71 36.41
C ASP A 31 -0.88 29.30 36.98
N MET A 32 -1.43 28.38 36.19
CA MET A 32 -1.78 27.07 36.69
C MET A 32 -0.55 26.22 37.11
N ALA A 33 0.63 26.53 36.54
CA ALA A 33 1.88 25.87 36.91
C ALA A 33 2.63 26.63 38.02
N ALA A 34 1.93 27.47 38.79
CA ALA A 34 2.49 28.33 39.82
C ALA A 34 3.61 29.31 39.38
N ALA A 35 3.75 29.59 38.08
CA ALA A 35 4.67 30.63 37.64
C ALA A 35 4.00 31.99 37.85
N ALA A 36 4.79 32.97 38.32
CA ALA A 36 4.30 34.31 38.64
C ALA A 36 4.65 35.33 37.55
N TRP A 37 3.70 36.20 37.28
CA TRP A 37 3.79 37.24 36.26
C TRP A 37 3.24 38.56 36.81
N LYS A 38 3.69 39.67 36.26
CA LYS A 38 3.19 40.96 36.62
C LYS A 38 2.57 41.57 35.38
N VAL A 39 1.53 42.37 35.58
CA VAL A 39 0.77 42.95 34.49
C VAL A 39 1.12 44.41 34.32
N GLY A 40 1.23 44.83 33.06
CA GLY A 40 1.55 46.18 32.69
C GLY A 40 0.43 46.81 31.91
N LEU A 41 0.76 47.80 31.09
CA LEU A 41 -0.23 48.58 30.35
C LEU A 41 -0.75 47.88 29.07
N PRO A 42 -1.88 48.35 28.50
CA PRO A 42 -2.40 47.75 27.28
C PRO A 42 -1.50 48.09 26.08
N ILE A 43 -1.40 47.19 25.11
CA ILE A 43 -0.65 47.47 23.88
C ILE A 43 -1.49 48.32 22.91
N GLY A 44 -0.82 49.06 22.03
CA GLY A 44 -1.44 49.77 20.89
C GLY A 44 -2.80 50.50 20.95
N GLN A 45 -3.11 51.19 22.04
CA GLN A 45 -4.26 52.15 22.10
C GLN A 45 -5.65 51.53 21.89
N PHE A 48 -4.97 45.63 19.49
CA PHE A 48 -5.70 44.37 19.59
C PHE A 48 -6.76 44.40 20.73
N GLY A 49 -7.11 43.23 21.31
CA GLY A 49 -8.22 43.12 22.29
C GLY A 49 -7.83 43.56 23.69
N CYS A 50 -8.31 42.83 24.69
CA CYS A 50 -7.82 43.00 26.06
C CYS A 50 -6.48 42.26 26.15
N ILE A 51 -5.43 42.99 25.84
CA ILE A 51 -4.10 42.46 25.76
C ILE A 51 -3.20 43.49 26.44
N TYR A 52 -2.49 43.04 27.47
CA TYR A 52 -1.57 43.89 28.24
C TYR A 52 -0.13 43.39 28.17
N LEU A 53 0.82 44.30 28.25
CA LEU A 53 2.22 43.93 28.47
C LEU A 53 2.33 43.14 29.79
N ALA A 54 3.26 42.20 29.83
CA ALA A 54 3.45 41.25 30.94
C ALA A 54 4.94 40.88 31.03
N ASP A 55 5.42 40.64 32.25
CA ASP A 55 6.79 40.16 32.47
C ASP A 55 6.80 39.19 33.65
N MET A 56 7.92 38.49 33.85
CA MET A 56 8.17 37.72 35.08
C MET A 56 7.98 38.61 36.29
N ASN A 57 7.43 38.06 37.35
CA ASN A 57 7.30 38.75 38.62
C ASN A 57 8.71 39.18 39.08
N SER A 58 8.81 40.42 39.52
CA SER A 58 10.05 40.99 40.01
C SER A 58 9.65 42.25 40.81
N SER A 59 10.64 42.97 41.31
CA SER A 59 10.36 44.25 41.98
C SER A 59 10.25 45.46 40.99
N GLU A 60 10.72 45.32 39.74
CA GLU A 60 10.49 46.36 38.71
C GLU A 60 9.04 46.31 38.16
N SER A 61 8.56 47.46 37.68
CA SER A 61 7.32 47.54 36.93
C SER A 61 7.55 46.92 35.56
N VAL A 62 6.46 46.49 34.97
CA VAL A 62 6.46 46.00 33.60
C VAL A 62 6.69 47.22 32.69
N GLY A 63 7.78 47.22 31.92
CA GLY A 63 8.14 48.36 31.06
C GLY A 63 7.53 48.23 29.67
N SER A 64 7.73 49.25 28.84
CA SER A 64 7.22 49.25 27.46
C SER A 64 7.96 48.24 26.56
N ASP A 65 9.18 47.86 26.96
CA ASP A 65 9.94 46.82 26.27
C ASP A 65 9.73 45.41 26.84
N ALA A 66 8.60 45.17 27.50
CA ALA A 66 8.31 43.88 28.08
C ALA A 66 8.32 42.75 27.02
N PRO A 67 8.72 41.53 27.43
CA PRO A 67 8.86 40.49 26.43
C PRO A 67 7.61 39.59 26.29
N CYS A 68 6.56 39.82 27.07
CA CYS A 68 5.38 38.99 27.02
C CYS A 68 4.15 39.85 26.97
N VAL A 69 3.03 39.22 26.65
CA VAL A 69 1.71 39.82 26.79
C VAL A 69 0.85 38.85 27.52
N VAL A 70 -0.18 39.38 28.18
CA VAL A 70 -1.24 38.60 28.77
C VAL A 70 -2.54 39.01 28.04
N LYS A 71 -3.23 37.99 27.54
CA LYS A 71 -4.52 38.08 26.92
C LYS A 71 -5.54 37.58 27.92
N VAL A 72 -6.59 38.36 28.12
CA VAL A 72 -7.58 38.04 29.13
C VAL A 72 -8.97 38.23 28.54
N GLU A 73 -9.83 37.24 28.73
CA GLU A 73 -11.22 37.30 28.25
C GLU A 73 -12.06 36.59 29.30
N PRO A 74 -13.40 36.87 29.33
CA PRO A 74 -14.23 36.08 30.24
C PRO A 74 -14.05 34.58 29.96
N SER A 75 -14.19 33.78 31.01
CA SER A 75 -13.95 32.36 30.90
C SER A 75 -14.92 31.63 29.95
N ASP A 76 -16.13 32.15 29.77
CA ASP A 76 -17.08 31.62 28.76
C ASP A 76 -16.83 32.09 27.33
N ASN A 77 -15.75 32.81 27.06
CA ASN A 77 -15.32 33.18 25.72
C ASN A 77 -14.78 31.94 24.98
N GLY A 78 -15.43 31.60 23.88
CA GLY A 78 -15.05 30.46 23.08
C GLY A 78 -13.72 30.58 22.39
N PRO A 79 -13.48 31.71 21.69
CA PRO A 79 -12.23 31.80 20.95
C PRO A 79 -10.97 31.72 21.83
N LEU A 80 -10.96 32.31 23.03
CA LEU A 80 -9.72 32.25 23.84
C LEU A 80 -9.41 30.80 24.24
N PHE A 81 -10.48 30.06 24.55
CA PHE A 81 -10.38 28.67 24.92
C PHE A 81 -9.83 27.84 23.75
N THR A 82 -10.33 28.11 22.54
CA THR A 82 -9.84 27.41 21.34
C THR A 82 -8.36 27.68 21.12
N GLU A 83 -8.02 28.97 21.23
CA GLU A 83 -6.65 29.43 21.10
C GLU A 83 -5.71 28.82 22.15
N LEU A 84 -6.15 28.85 23.40
CA LEU A 84 -5.41 28.24 24.50
C LEU A 84 -5.12 26.78 24.20
N LYS A 85 -6.15 26.05 23.78
CA LYS A 85 -5.98 24.63 23.48
C LYS A 85 -4.94 24.38 22.38
N PHE A 86 -4.96 25.23 21.34
CA PHE A 86 -4.00 25.14 20.28
C PHE A 86 -2.59 25.31 20.84
N TYR A 87 -2.39 26.42 21.54
CA TYR A 87 -1.09 26.73 22.16
C TYR A 87 -0.59 25.63 23.11
N GLN A 88 -1.45 25.10 23.98
CA GLN A 88 -1.07 23.97 24.87
C GLN A 88 -0.70 22.72 24.11
N ARG A 89 -1.43 22.42 23.02
CA ARG A 89 -1.20 21.19 22.26
C ARG A 89 -0.03 21.27 21.31
N ALA A 90 0.22 22.46 20.75
CA ALA A 90 1.13 22.63 19.62
C ALA A 90 2.23 23.68 19.79
N ALA A 91 2.09 24.63 20.71
CA ALA A 91 3.08 25.72 20.86
C ALA A 91 3.87 25.74 22.19
N LYS A 92 4.17 24.57 22.72
CA LYS A 92 4.94 24.48 23.94
C LYS A 92 6.42 24.77 23.60
N PRO A 93 7.08 25.66 24.40
CA PRO A 93 8.40 26.17 23.98
C PRO A 93 9.34 25.10 23.44
N GLU A 94 9.40 23.97 24.14
CA GLU A 94 10.27 22.84 23.78
C GLU A 94 9.79 21.98 22.59
N GLN A 95 8.49 21.89 22.39
CA GLN A 95 7.91 21.23 21.21
C GLN A 95 8.35 21.92 19.89
N ILE A 96 8.29 23.25 19.89
CA ILE A 96 8.75 24.11 18.78
C ILE A 96 10.27 23.97 18.59
N GLN A 97 11.02 24.04 19.71
CA GLN A 97 12.51 23.96 19.63
C GLN A 97 12.97 22.63 19.04
N LYS A 98 12.32 21.54 19.45
CA LYS A 98 12.59 20.21 18.89
C LYS A 98 12.39 20.17 17.36
N TRP A 99 11.29 20.74 16.88
CA TRP A 99 10.98 20.77 15.46
C TRP A 99 12.03 21.58 14.72
N ILE A 100 12.43 22.68 15.31
CA ILE A 100 13.41 23.54 14.69
C ILE A 100 14.74 22.80 14.50
N ARG A 101 15.15 22.02 15.49
CA ARG A 101 16.38 21.25 15.35
C ARG A 101 16.32 20.16 14.28
N THR A 102 15.25 19.38 14.24
CA THR A 102 15.14 18.30 13.27
C THR A 102 15.06 18.78 11.82
N ARG A 103 14.34 19.88 11.62
CA ARG A 103 14.18 20.51 10.31
CA ARG A 103 14.19 20.47 10.27
C ARG A 103 15.22 21.56 9.66
N LYS A 104 16.17 21.77 10.57
CA LYS A 104 17.27 22.69 10.33
C LYS A 104 16.78 24.08 9.94
N LEU A 105 15.76 24.54 10.64
CA LEU A 105 15.18 25.85 10.41
C LEU A 105 15.94 26.89 11.20
N LYS A 106 15.97 28.10 10.69
CA LYS A 106 16.58 29.21 11.42
C LYS A 106 15.72 29.52 12.64
N TYR A 107 14.40 29.49 12.46
CA TYR A 107 13.44 29.74 13.53
C TYR A 107 12.10 29.15 13.09
N LEU A 108 11.06 29.23 13.93
CA LEU A 108 9.70 28.91 13.49
C LEU A 108 8.72 29.97 14.02
N GLY A 109 7.93 30.55 13.12
CA GLY A 109 7.02 31.65 13.45
C GLY A 109 5.70 31.25 14.08
N VAL A 110 5.76 30.32 15.04
CA VAL A 110 4.62 29.94 15.88
C VAL A 110 4.94 30.57 17.23
N PRO A 111 4.07 31.48 17.71
CA PRO A 111 4.39 32.12 18.97
C PRO A 111 4.48 31.12 20.11
N LYS A 112 5.39 31.35 21.04
CA LYS A 112 5.47 30.52 22.25
C LYS A 112 4.43 30.82 23.32
N TYR A 113 3.90 29.73 23.84
CA TYR A 113 2.98 29.72 24.98
C TYR A 113 3.76 29.65 26.31
N TRP A 114 3.49 30.60 27.22
CA TRP A 114 4.23 30.66 28.53
C TRP A 114 3.40 30.22 29.72
N GLY A 115 2.08 30.17 29.60
CA GLY A 115 1.26 29.79 30.74
C GLY A 115 -0.14 30.36 30.62
N SER A 116 -0.99 29.92 31.53
CA SER A 116 -2.37 30.32 31.55
C SER A 116 -2.99 30.00 32.89
N GLY A 117 -4.13 30.62 33.11
CA GLY A 117 -4.83 30.48 34.36
C GLY A 117 -6.23 31.03 34.39
N LEU A 118 -6.78 31.08 35.60
CA LEU A 118 -8.12 31.55 35.84
C LEU A 118 -8.06 32.69 36.84
N HIS A 119 -8.72 33.79 36.53
CA HIS A 119 -8.61 35.01 37.31
C HIS A 119 -10.03 35.55 37.50
N ASP A 120 -10.38 35.73 38.75
CA ASP A 120 -11.70 36.18 39.15
C ASP A 120 -11.56 37.65 39.51
N LYS A 121 -12.54 38.44 39.09
CA LYS A 121 -12.58 39.85 39.45
C LYS A 121 -14.01 40.32 39.47
N ASN A 122 -14.39 40.94 40.59
CA ASN A 122 -15.70 41.58 40.71
C ASN A 122 -16.82 40.57 40.43
N GLY A 123 -16.72 39.41 41.07
CA GLY A 123 -17.59 38.25 40.81
C GLY A 123 -17.78 37.79 39.37
N LYS A 124 -16.80 38.00 38.50
CA LYS A 124 -16.80 37.46 37.14
C LYS A 124 -15.56 36.60 37.00
N SER A 125 -15.67 35.49 36.27
CA SER A 125 -14.53 34.61 36.00
CA SER A 125 -14.57 34.58 35.99
C SER A 125 -13.92 34.89 34.64
N TYR A 126 -12.59 35.01 34.62
CA TYR A 126 -11.80 35.31 33.42
C TYR A 126 -10.71 34.23 33.22
N ARG A 127 -10.35 34.03 31.97
CA ARG A 127 -9.27 33.19 31.53
C ARG A 127 -8.13 34.08 31.04
N PHE A 128 -6.90 33.75 31.38
CA PHE A 128 -5.73 34.48 30.87
C PHE A 128 -4.65 33.55 30.33
N MET A 129 -3.85 34.10 29.44
CA MET A 129 -2.85 33.36 28.71
C MET A 129 -1.65 34.28 28.52
N ILE A 130 -0.45 33.78 28.83
CA ILE A 130 0.79 34.54 28.66
C ILE A 130 1.49 34.07 27.37
N MET A 131 1.87 35.01 26.53
CA MET A 131 2.47 34.74 25.21
C MET A 131 3.63 35.65 24.95
N ASP A 132 4.44 35.30 23.95
CA ASP A 132 5.45 36.19 23.38
C ASP A 132 4.85 37.55 23.04
N ARG A 133 5.68 38.58 23.15
CA ARG A 133 5.33 39.92 22.78
C ARG A 133 6.07 40.20 21.46
N PHE A 134 5.36 40.74 20.48
CA PHE A 134 5.88 41.04 19.16
C PHE A 134 5.96 42.53 18.90
N GLY A 135 6.61 42.88 17.80
CA GLY A 135 6.59 44.23 17.27
C GLY A 135 5.41 44.38 16.34
N SER A 136 5.63 45.04 15.22
CA SER A 136 4.54 45.51 14.37
C SER A 136 3.92 44.36 13.57
N ASP A 137 2.63 44.51 13.26
CA ASP A 137 1.98 43.63 12.27
C ASP A 137 2.43 44.05 10.87
N LEU A 138 2.34 43.13 9.93
CA LEU A 138 2.73 43.40 8.53
C LEU A 138 1.77 44.34 7.81
N GLN A 139 0.51 44.38 8.21
CA GLN A 139 -0.49 45.22 7.53
C GLN A 139 -0.09 46.69 7.68
N LYS A 140 0.35 47.10 8.87
CA LYS A 140 0.80 48.49 9.08
C LYS A 140 1.97 48.82 8.15
N ILE A 141 2.93 47.89 8.02
CA ILE A 141 4.13 48.11 7.21
C ILE A 141 3.78 48.13 5.72
N TYR A 142 2.92 47.20 5.31
CA TYR A 142 2.34 47.20 3.95
C TYR A 142 1.67 48.53 3.58
N GLU A 143 0.83 49.07 4.46
CA GLU A 143 0.20 50.36 4.19
C GLU A 143 1.20 51.53 4.15
N ALA A 144 2.19 51.53 5.03
CA ALA A 144 3.30 52.49 4.96
C ALA A 144 4.17 52.34 3.72
N ASN A 145 4.15 51.19 3.03
CA ASN A 145 4.85 51.07 1.75
C ASN A 145 3.91 51.24 0.52
N ALA A 146 2.86 52.05 0.64
CA ALA A 146 1.84 52.25 -0.43
C ALA A 146 1.22 50.93 -0.95
N LYS A 147 0.83 50.06 -0.02
CA LYS A 147 0.27 48.74 -0.31
C LYS A 147 1.01 47.90 -1.37
N ARG A 148 2.35 47.86 -1.27
CA ARG A 148 3.19 46.92 -2.02
C ARG A 148 4.26 46.30 -1.12
N PHE A 149 4.57 45.03 -1.37
CA PHE A 149 5.79 44.37 -0.91
C PHE A 149 6.52 43.92 -2.17
N SER A 150 7.85 44.02 -2.14
CA SER A 150 8.69 43.57 -3.21
C SER A 150 8.50 42.10 -3.42
N ARG A 151 8.81 41.65 -4.63
CA ARG A 151 8.94 40.23 -4.94
C ARG A 151 9.84 39.44 -3.96
N LYS A 152 10.99 40.02 -3.60
CA LYS A 152 11.90 39.44 -2.60
C LYS A 152 11.20 39.27 -1.25
N THR A 153 10.52 40.31 -0.78
CA THR A 153 9.79 40.24 0.46
C THR A 153 8.69 39.16 0.50
N VAL A 154 7.87 39.13 -0.55
CA VAL A 154 6.76 38.19 -0.64
C VAL A 154 7.26 36.73 -0.61
N LEU A 155 8.35 36.45 -1.35
CA LEU A 155 8.89 35.08 -1.39
C LEU A 155 9.46 34.69 -0.01
N GLN A 156 10.22 35.58 0.62
CA GLN A 156 10.80 35.30 1.93
C GLN A 156 9.72 35.10 3.00
N LEU A 157 8.67 35.93 2.99
CA LEU A 157 7.55 35.78 3.93
C LEU A 157 6.88 34.46 3.70
N SER A 158 6.67 34.13 2.44
CA SER A 158 5.86 32.99 2.09
C SER A 158 6.56 31.69 2.41
N LEU A 159 7.88 31.67 2.28
CA LEU A 159 8.69 30.51 2.66
C LEU A 159 8.52 30.21 4.18
N ARG A 160 8.61 31.25 5.01
CA ARG A 160 8.45 31.11 6.46
C ARG A 160 7.00 30.76 6.85
N ILE A 161 6.03 31.31 6.12
CA ILE A 161 4.63 30.92 6.35
C ILE A 161 4.39 29.47 5.97
N LEU A 162 5.02 29.00 4.87
CA LEU A 162 4.97 27.56 4.54
C LEU A 162 5.56 26.67 5.64
N ASP A 163 6.66 27.11 6.27
CA ASP A 163 7.22 26.40 7.42
C ASP A 163 6.22 26.35 8.55
N ILE A 164 5.61 27.50 8.86
CA ILE A 164 4.61 27.59 9.90
C ILE A 164 3.38 26.72 9.59
N LEU A 165 2.89 26.77 8.35
CA LEU A 165 1.70 26.00 8.03
C LEU A 165 1.98 24.52 8.09
N GLU A 166 3.15 24.10 7.62
CA GLU A 166 3.49 22.70 7.69
C GLU A 166 3.50 22.24 9.14
N TYR A 167 4.03 23.08 10.01
CA TYR A 167 4.08 22.75 11.44
C TYR A 167 2.67 22.58 12.02
N ILE A 168 1.80 23.57 11.86
CA ILE A 168 0.49 23.47 12.50
C ILE A 168 -0.34 22.34 11.92
N HIS A 169 -0.26 22.16 10.59
CA HIS A 169 -0.97 21.05 9.89
C HIS A 169 -0.54 19.71 10.45
N GLU A 170 0.78 19.55 10.61
CA GLU A 170 1.34 18.31 11.15
C GLU A 170 0.95 18.08 12.61
N HIS A 171 0.52 19.15 13.29
CA HIS A 171 -0.09 19.08 14.63
C HIS A 171 -1.62 19.21 14.66
N GLU A 172 -2.26 18.80 13.55
CA GLU A 172 -3.71 18.59 13.44
C GLU A 172 -4.57 19.86 13.31
N TYR A 173 -3.95 21.02 13.09
CA TYR A 173 -4.69 22.28 13.00
C TYR A 173 -4.51 22.95 11.66
N VAL A 174 -5.50 23.77 11.30
CA VAL A 174 -5.46 24.65 10.14
C VAL A 174 -5.78 26.07 10.65
N HIS A 175 -5.05 27.08 10.22
CA HIS A 175 -5.32 28.44 10.65
C HIS A 175 -6.60 29.08 10.08
N GLY A 176 -6.77 28.97 8.78
CA GLY A 176 -7.95 29.46 8.07
C GLY A 176 -8.11 30.97 7.91
N ASP A 177 -7.17 31.74 8.41
CA ASP A 177 -7.26 33.19 8.32
C ASP A 177 -5.93 33.92 8.14
N ILE A 178 -5.05 33.42 7.29
CA ILE A 178 -3.77 34.07 7.12
C ILE A 178 -3.93 35.41 6.40
N LYS A 179 -3.34 36.44 6.97
CA LYS A 179 -3.36 37.80 6.44
C LYS A 179 -2.26 38.64 7.08
N ALA A 180 -1.95 39.79 6.49
CA ALA A 180 -0.86 40.62 7.00
C ALA A 180 -1.11 41.15 8.42
N SER A 181 -2.38 41.38 8.78
CA SER A 181 -2.69 41.81 10.18
C SER A 181 -2.47 40.70 11.21
N ASN A 182 -2.39 39.45 10.77
CA ASN A 182 -2.10 38.31 11.65
C ASN A 182 -0.66 37.83 11.54
N LEU A 183 0.20 38.66 10.95
CA LEU A 183 1.61 38.38 10.82
C LEU A 183 2.38 39.46 11.55
N LEU A 184 3.07 39.07 12.62
CA LEU A 184 3.79 39.99 13.49
C LEU A 184 5.30 39.73 13.41
N LEU A 185 6.08 40.80 13.54
CA LEU A 185 7.53 40.70 13.52
C LEU A 185 8.01 40.38 14.92
N ASN A 186 9.07 39.59 15.01
CA ASN A 186 9.82 39.46 16.24
C ASN A 186 10.24 40.87 16.74
N TYR A 187 9.92 41.15 18.00
CA TYR A 187 10.27 42.41 18.64
C TYR A 187 11.80 42.71 18.52
N LYS A 188 12.64 41.68 18.66
CA LYS A 188 14.10 41.85 18.61
C LYS A 188 14.74 41.60 17.24
N ASN A 189 13.98 41.13 16.26
CA ASN A 189 14.53 40.73 14.96
C ASN A 189 13.53 40.99 13.83
N PRO A 190 13.72 42.09 13.07
CA PRO A 190 12.80 42.41 11.98
C PRO A 190 12.71 41.42 10.81
N ASP A 191 13.54 40.39 10.80
CA ASP A 191 13.55 39.43 9.71
C ASP A 191 12.80 38.17 10.03
N GLN A 192 12.17 38.10 11.20
CA GLN A 192 11.47 36.90 11.62
C GLN A 192 10.02 37.24 11.79
N VAL A 193 9.16 36.54 11.06
CA VAL A 193 7.71 36.75 11.05
C VAL A 193 7.01 35.56 11.69
N TYR A 194 5.95 35.89 12.46
CA TYR A 194 5.16 34.96 13.22
C TYR A 194 3.68 35.10 12.82
N LEU A 195 3.00 33.97 12.68
CA LEU A 195 1.56 33.90 12.47
C LEU A 195 0.86 33.78 13.84
N VAL A 196 -0.05 34.72 14.12
CA VAL A 196 -0.83 34.74 15.36
C VAL A 196 -2.34 34.61 15.08
N ASP A 197 -3.11 34.61 16.18
CA ASP A 197 -4.56 34.48 16.23
C ASP A 197 -5.03 33.06 15.86
N TYR A 198 -5.23 32.22 16.89
CA TYR A 198 -5.76 30.87 16.69
C TYR A 198 -7.12 30.71 17.31
N GLY A 199 -7.82 31.81 17.59
CA GLY A 199 -9.14 31.77 18.23
C GLY A 199 -10.25 31.10 17.42
N LEU A 200 -10.09 31.14 16.10
CA LEU A 200 -10.96 30.42 15.19
C LEU A 200 -10.16 29.37 14.37
N ALA A 201 -9.06 28.88 14.94
CA ALA A 201 -8.29 27.80 14.32
C ALA A 201 -9.15 26.58 14.42
N TYR A 202 -8.82 25.56 13.64
CA TYR A 202 -9.70 24.44 13.46
C TYR A 202 -8.84 23.21 13.42
N ARG A 203 -9.21 22.26 14.27
CA ARG A 203 -8.54 20.99 14.37
C ARG A 203 -9.18 20.06 13.34
N TYR A 204 -8.64 20.12 12.13
CA TYR A 204 -9.13 19.34 10.99
C TYR A 204 -8.82 17.83 11.12
N CYS A 205 -7.87 17.46 11.98
CA CYS A 205 -7.39 16.09 12.02
C CYS A 205 -7.18 15.52 13.44
N PRO A 206 -8.20 15.65 14.33
CA PRO A 206 -8.11 15.13 15.70
C PRO A 206 -7.79 13.64 15.74
N GLU A 207 -6.70 13.30 16.42
CA GLU A 207 -6.25 11.91 16.54
C GLU A 207 -5.96 11.25 15.21
N GLY A 208 -5.43 11.99 14.25
CA GLY A 208 -5.19 11.44 12.88
C GLY A 208 -6.40 11.12 11.96
N VAL A 209 -7.62 11.47 12.40
CA VAL A 209 -8.86 11.23 11.67
C VAL A 209 -9.34 12.53 10.99
N HIS A 210 -9.09 12.67 9.68
CA HIS A 210 -9.46 13.88 8.92
C HIS A 210 -10.97 14.11 8.98
N LYS A 211 -11.38 15.36 9.14
CA LYS A 211 -12.81 15.70 9.04
C LYS A 211 -13.28 15.45 7.62
N ALA A 212 -14.55 15.06 7.51
CA ALA A 212 -15.22 14.83 6.23
C ALA A 212 -15.57 16.15 5.55
N TYR A 213 -15.73 16.08 4.22
CA TYR A 213 -16.12 17.23 3.37
C TYR A 213 -17.56 17.60 3.72
N ALA A 214 -17.72 18.56 4.63
CA ALA A 214 -19.03 18.91 5.20
C ALA A 214 -18.87 20.11 6.12
N ALA A 215 -19.98 20.72 6.53
CA ALA A 215 -19.94 21.76 7.57
C ALA A 215 -19.60 21.11 8.91
N ASP A 216 -18.91 21.88 9.76
CA ASP A 216 -18.80 21.60 11.19
C ASP A 216 -19.85 22.49 11.88
N PRO A 217 -20.82 21.89 12.60
CA PRO A 217 -21.83 22.72 13.27
C PRO A 217 -21.27 23.57 14.44
N LYS A 218 -20.21 23.07 15.10
CA LYS A 218 -19.49 23.82 16.14
C LYS A 218 -18.92 25.15 15.60
N ARG A 219 -18.31 25.09 14.42
CA ARG A 219 -17.71 26.25 13.75
C ARG A 219 -18.74 27.14 13.05
N CYS A 220 -18.55 28.45 13.15
CA CYS A 220 -19.40 29.45 12.45
C CYS A 220 -18.62 30.41 11.53
N HIS A 221 -17.29 30.45 11.63
CA HIS A 221 -16.47 31.46 10.94
C HIS A 221 -16.11 31.02 9.51
N ASP A 222 -15.97 32.00 8.60
CA ASP A 222 -15.64 31.80 7.17
C ASP A 222 -14.29 32.37 6.73
N GLY A 223 -13.51 32.87 7.70
CA GLY A 223 -12.24 33.56 7.46
C GLY A 223 -12.51 35.02 7.12
N THR A 224 -11.58 35.65 6.43
CA THR A 224 -11.71 37.01 5.95
C THR A 224 -12.06 36.88 4.47
N ILE A 225 -13.09 37.63 4.05
CA ILE A 225 -13.76 37.34 2.79
C ILE A 225 -12.88 37.45 1.55
N GLU A 226 -12.09 38.52 1.46
CA GLU A 226 -11.20 38.67 0.33
C GLU A 226 -10.12 37.58 0.18
N PHE A 227 -9.72 36.93 1.30
CA PHE A 227 -8.63 35.91 1.29
C PHE A 227 -9.08 34.49 1.47
N THR A 228 -10.30 34.26 1.91
CA THR A 228 -10.69 32.92 2.31
C THR A 228 -10.76 31.94 1.14
N SER A 229 -10.75 30.66 1.49
CA SER A 229 -10.72 29.58 0.52
C SER A 229 -12.11 29.27 -0.09
N ILE A 230 -12.07 28.66 -1.27
CA ILE A 230 -13.26 28.15 -1.94
C ILE A 230 -14.01 27.17 -1.05
N ASP A 231 -13.29 26.29 -0.33
CA ASP A 231 -13.94 25.37 0.62
C ASP A 231 -14.75 26.15 1.66
N ALA A 232 -14.12 27.17 2.26
CA ALA A 232 -14.81 28.04 3.22
C ALA A 232 -16.05 28.71 2.59
N HIS A 233 -15.91 29.25 1.37
CA HIS A 233 -17.07 29.83 0.71
C HIS A 233 -18.18 28.80 0.46
N ASN A 234 -17.82 27.54 0.21
CA ASN A 234 -18.82 26.45 0.06
C ASN A 234 -19.42 25.92 1.37
N GLY A 235 -19.04 26.51 2.49
CA GLY A 235 -19.64 26.18 3.78
C GLY A 235 -19.12 24.91 4.42
N VAL A 236 -17.98 24.41 3.99
CA VAL A 236 -17.40 23.23 4.60
C VAL A 236 -16.24 23.69 5.47
N ALA A 237 -15.90 22.84 6.42
CA ALA A 237 -14.81 23.09 7.32
C ALA A 237 -13.49 23.27 6.55
N PRO A 238 -12.63 24.15 7.05
CA PRO A 238 -11.34 24.37 6.43
C PRO A 238 -10.37 23.16 6.55
N SER A 239 -9.54 22.96 5.52
CA SER A 239 -8.52 21.89 5.54
C SER A 239 -7.23 22.48 5.03
N ARG A 240 -6.25 21.63 4.80
CA ARG A 240 -4.88 22.10 4.52
C ARG A 240 -4.77 22.88 3.23
N ARG A 241 -5.42 22.42 2.19
CA ARG A 241 -5.38 23.11 0.92
C ARG A 241 -5.92 24.54 1.03
N GLY A 242 -6.94 24.74 1.84
CA GLY A 242 -7.51 26.08 1.99
C GLY A 242 -6.50 27.07 2.55
N ASP A 243 -5.69 26.63 3.51
CA ASP A 243 -4.63 27.48 4.05
C ASP A 243 -3.64 27.89 2.97
N LEU A 244 -3.29 26.95 2.09
CA LEU A 244 -2.31 27.23 1.03
C LEU A 244 -2.92 28.18 0.01
N GLU A 245 -4.21 28.01 -0.23
CA GLU A 245 -4.97 28.86 -1.14
C GLU A 245 -5.04 30.29 -0.60
N ILE A 246 -5.31 30.43 0.70
CA ILE A 246 -5.35 31.76 1.35
C ILE A 246 -4.03 32.45 1.17
N LEU A 247 -2.93 31.74 1.43
CA LEU A 247 -1.59 32.29 1.23
C LEU A 247 -1.39 32.78 -0.22
N GLY A 248 -1.91 32.03 -1.20
CA GLY A 248 -1.84 32.43 -2.62
C GLY A 248 -2.43 33.82 -2.90
N TYR A 249 -3.64 34.05 -2.40
CA TYR A 249 -4.32 35.33 -2.54
C TYR A 249 -3.58 36.44 -1.80
N CYS A 250 -3.06 36.15 -0.59
CA CYS A 250 -2.19 37.13 0.10
C CYS A 250 -1.00 37.56 -0.76
N MET A 251 -0.30 36.59 -1.36
CA MET A 251 0.84 36.89 -2.22
C MET A 251 0.50 37.86 -3.35
N ILE A 252 -0.61 37.60 -4.03
CA ILE A 252 -1.04 38.50 -5.11
C ILE A 252 -1.34 39.91 -4.57
N GLN A 253 -2.09 39.96 -3.49
CA GLN A 253 -2.44 41.24 -2.84
C GLN A 253 -1.16 42.00 -2.48
N TRP A 254 -0.20 41.27 -1.93
CA TRP A 254 1.05 41.88 -1.49
C TRP A 254 1.84 42.40 -2.68
N LEU A 255 1.91 41.61 -3.76
CA LEU A 255 2.70 42.01 -4.93
C LEU A 255 2.05 43.15 -5.70
N THR A 256 0.73 43.21 -5.74
CA THR A 256 0.02 44.09 -6.66
C THR A 256 -0.76 45.22 -6.02
N GLY A 257 -1.05 45.16 -4.72
CA GLY A 257 -1.97 46.10 -4.08
C GLY A 257 -3.45 45.77 -4.20
N HIS A 258 -3.80 44.68 -4.91
CA HIS A 258 -5.20 44.44 -5.32
C HIS A 258 -5.50 42.97 -5.42
N LEU A 259 -6.80 42.67 -5.35
CA LEU A 259 -7.38 41.41 -5.79
C LEU A 259 -8.59 41.73 -6.71
N PRO A 260 -8.87 40.88 -7.71
CA PRO A 260 -9.95 41.12 -8.70
C PRO A 260 -11.33 41.41 -8.10
N TRP A 261 -11.62 40.80 -6.96
CA TRP A 261 -12.98 40.86 -6.36
C TRP A 261 -13.09 41.87 -5.22
N GLU A 262 -12.11 42.75 -5.08
CA GLU A 262 -11.98 43.61 -3.90
C GLU A 262 -13.06 44.70 -3.78
N ASP A 263 -13.73 45.05 -4.88
CA ASP A 263 -14.85 45.99 -4.87
C ASP A 263 -16.25 45.34 -4.71
N ASN A 264 -16.31 44.05 -4.41
CA ASN A 264 -17.58 43.35 -4.21
C ASN A 264 -17.57 42.50 -2.94
N LEU A 265 -16.82 42.92 -1.94
CA LEU A 265 -16.67 42.12 -0.71
C LEU A 265 -17.95 42.05 0.11
N LYS A 266 -18.88 42.96 -0.10
CA LYS A 266 -20.19 42.83 0.53
C LYS A 266 -21.02 41.68 -0.05
N ASP A 267 -20.57 41.03 -1.13
CA ASP A 267 -21.33 39.97 -1.80
C ASP A 267 -20.53 38.67 -1.90
N PRO A 268 -20.66 37.81 -0.91
CA PRO A 268 -19.87 36.59 -0.88
C PRO A 268 -19.97 35.69 -2.12
N LYS A 269 -21.17 35.52 -2.67
CA LYS A 269 -21.33 34.67 -3.85
C LYS A 269 -20.62 35.19 -5.11
N TYR A 270 -20.49 36.51 -5.23
CA TYR A 270 -19.62 37.13 -6.25
C TYR A 270 -18.15 36.74 -6.04
N VAL A 271 -17.69 36.89 -4.78
CA VAL A 271 -16.31 36.58 -4.42
C VAL A 271 -16.07 35.07 -4.68
N ARG A 272 -16.99 34.21 -4.27
CA ARG A 272 -16.80 32.78 -4.54
C ARG A 272 -16.79 32.47 -6.03
N ASP A 273 -17.68 33.10 -6.78
CA ASP A 273 -17.76 32.84 -8.21
C ASP A 273 -16.46 33.23 -8.89
N SER A 274 -15.93 34.37 -8.53
CA SER A 274 -14.67 34.82 -9.08
C SER A 274 -13.52 33.89 -8.75
N LYS A 275 -13.47 33.45 -7.50
CA LYS A 275 -12.41 32.55 -7.08
C LYS A 275 -12.49 31.21 -7.82
N ILE A 276 -13.70 30.69 -7.97
CA ILE A 276 -13.89 29.42 -8.67
C ILE A 276 -13.49 29.52 -10.14
N ARG A 277 -13.88 30.60 -10.81
CA ARG A 277 -13.54 30.80 -12.22
C ARG A 277 -12.03 30.97 -12.39
N TYR A 278 -11.40 31.73 -11.50
CA TYR A 278 -9.94 31.99 -11.61
C TYR A 278 -9.08 30.79 -11.28
N ARG A 279 -9.54 29.94 -10.37
CA ARG A 279 -8.90 28.64 -10.14
C ARG A 279 -8.93 27.72 -11.36
N GLU A 280 -10.08 27.65 -12.01
CA GLU A 280 -10.23 26.85 -13.21
C GLU A 280 -9.34 27.36 -14.35
N ASN A 281 -9.05 28.68 -14.36
CA ASN A 281 -8.18 29.32 -15.37
C ASN A 281 -7.16 30.31 -14.75
N ILE A 282 -6.04 29.76 -14.32
CA ILE A 282 -5.04 30.53 -13.57
C ILE A 282 -4.33 31.52 -14.47
N ALA A 283 -4.11 31.16 -15.74
CA ALA A 283 -3.53 32.12 -16.69
C ALA A 283 -4.38 33.40 -16.79
N SER A 284 -5.71 33.31 -16.70
CA SER A 284 -6.56 34.52 -16.66
C SER A 284 -6.46 35.31 -15.33
N LEU A 285 -6.27 34.63 -14.20
CA LEU A 285 -5.91 35.34 -12.98
C LEU A 285 -4.60 36.14 -13.11
N MET A 286 -3.58 35.52 -13.67
CA MET A 286 -2.32 36.22 -13.87
C MET A 286 -2.48 37.43 -14.80
N ASP A 287 -3.23 37.25 -15.88
CA ASP A 287 -3.58 38.36 -16.78
C ASP A 287 -4.34 39.48 -16.08
N LYS A 288 -5.33 39.14 -15.28
CA LYS A 288 -6.09 40.14 -14.56
C LYS A 288 -5.19 40.89 -13.53
N CYS A 289 -4.41 40.15 -12.74
CA CYS A 289 -3.62 40.72 -11.61
C CYS A 289 -2.27 41.34 -11.95
N PHE A 290 -1.70 40.90 -13.06
CA PHE A 290 -0.43 41.37 -13.57
C PHE A 290 -0.65 41.68 -15.02
N ALA A 293 0.19 42.06 -18.86
CA ALA A 293 1.63 41.88 -19.03
C ALA A 293 2.26 40.92 -17.95
N ASN A 294 3.58 40.65 -18.08
CA ASN A 294 4.29 39.49 -17.46
C ASN A 294 4.11 39.30 -15.95
N ALA A 295 3.72 38.09 -15.56
CA ALA A 295 3.51 37.72 -14.18
C ALA A 295 4.67 36.89 -13.64
N PRO A 296 5.00 37.03 -12.34
CA PRO A 296 6.06 36.18 -11.77
C PRO A 296 5.63 34.72 -11.80
N GLY A 297 6.42 33.88 -12.47
CA GLY A 297 6.03 32.51 -12.76
C GLY A 297 5.83 31.60 -11.57
N GLU A 298 6.61 31.79 -10.51
CA GLU A 298 6.40 31.02 -9.27
C GLU A 298 4.97 31.12 -8.73
N ILE A 299 4.32 32.27 -8.89
CA ILE A 299 2.97 32.45 -8.34
C ILE A 299 1.98 31.57 -9.08
N ALA A 300 2.02 31.60 -10.40
CA ALA A 300 1.16 30.73 -11.18
C ALA A 300 1.44 29.28 -10.86
N LYS A 301 2.72 28.90 -10.82
CA LYS A 301 3.14 27.52 -10.47
C LYS A 301 2.64 27.11 -9.07
N TYR A 302 2.77 28.02 -8.12
CA TYR A 302 2.27 27.78 -6.77
C TYR A 302 0.77 27.42 -6.78
N MET A 303 -0.01 28.29 -7.41
CA MET A 303 -1.47 28.12 -7.45
C MET A 303 -1.93 26.88 -8.22
N GLU A 304 -1.21 26.52 -9.28
CA GLU A 304 -1.47 25.26 -10.00
C GLU A 304 -1.24 24.02 -9.14
N THR A 305 -0.23 24.10 -8.26
CA THR A 305 0.09 22.95 -7.39
C THR A 305 -0.96 22.83 -6.32
N VAL A 306 -1.39 23.96 -5.78
CA VAL A 306 -2.46 23.97 -4.79
C VAL A 306 -3.77 23.45 -5.35
N LYS A 307 -4.08 23.80 -6.59
CA LYS A 307 -5.30 23.36 -7.27
C LYS A 307 -5.38 21.84 -7.40
N LEU A 308 -4.23 21.19 -7.51
CA LEU A 308 -4.16 19.71 -7.59
C LEU A 308 -4.57 18.98 -6.31
N LEU A 309 -4.71 19.69 -5.19
CA LEU A 309 -4.90 19.05 -3.89
C LEU A 309 -6.35 18.65 -3.66
N ASP A 310 -6.57 17.40 -3.22
CA ASP A 310 -7.88 17.03 -2.73
C ASP A 310 -8.09 17.60 -1.32
N TYR A 311 -9.36 17.67 -0.91
CA TYR A 311 -9.77 18.21 0.37
C TYR A 311 -8.96 17.59 1.53
N THR A 312 -8.78 16.27 1.52
CA THR A 312 -8.09 15.58 2.66
C THR A 312 -6.61 15.32 2.42
N GLU A 313 -6.10 15.71 1.26
CA GLU A 313 -4.75 15.38 0.84
C GLU A 313 -3.68 16.20 1.59
N LYS A 314 -2.59 15.54 1.93
CA LYS A 314 -1.46 16.18 2.55
C LYS A 314 -0.67 16.91 1.46
N PRO A 315 -0.41 18.22 1.63
CA PRO A 315 0.44 18.93 0.66
C PRO A 315 1.86 18.44 0.65
N LEU A 316 2.53 18.54 -0.49
CA LEU A 316 3.98 18.40 -0.57
C LEU A 316 4.59 19.78 -0.39
N TYR A 317 4.84 20.11 0.88
CA TYR A 317 5.26 21.43 1.30
C TYR A 317 6.61 21.79 0.74
N GLU A 318 7.49 20.80 0.69
CA GLU A 318 8.84 21.04 0.19
C GLU A 318 8.86 21.41 -1.29
N ASN A 319 7.96 20.81 -2.08
CA ASN A 319 7.77 21.24 -3.48
C ASN A 319 7.21 22.68 -3.62
N LEU A 320 6.34 23.11 -2.71
CA LEU A 320 5.84 24.49 -2.76
C LEU A 320 6.99 25.42 -2.46
N ARG A 321 7.79 25.07 -1.45
CA ARG A 321 8.95 25.89 -1.10
C ARG A 321 9.93 25.97 -2.31
N ASP A 322 10.15 24.85 -2.98
CA ASP A 322 11.01 24.78 -4.18
C ASP A 322 10.57 25.77 -5.27
N ILE A 323 9.29 25.70 -5.62
CA ILE A 323 8.66 26.68 -6.52
C ILE A 323 9.02 28.11 -6.09
N LEU A 324 8.89 28.45 -4.81
CA LEU A 324 9.25 29.79 -4.36
C LEU A 324 10.76 30.08 -4.43
N LEU A 325 11.59 29.10 -4.10
CA LEU A 325 13.05 29.25 -4.24
C LEU A 325 13.45 29.56 -5.70
N GLN A 326 12.73 29.00 -6.66
CA GLN A 326 13.02 29.26 -8.06
C GLN A 326 12.70 30.70 -8.44
N GLY A 327 11.70 31.31 -7.79
CA GLY A 327 11.50 32.74 -7.88
C GLY A 327 12.66 33.59 -7.38
N LEU A 328 13.23 33.19 -6.22
CA LEU A 328 14.43 33.87 -5.68
C LEU A 328 15.65 33.77 -6.61
N LYS A 329 15.92 32.57 -7.15
CA LYS A 329 16.94 32.38 -8.20
C LYS A 329 16.72 33.32 -9.38
N ALA A 330 15.49 33.37 -9.87
CA ALA A 330 15.12 34.24 -11.01
C ALA A 330 15.39 35.74 -10.81
N ILE A 331 15.39 36.26 -9.57
CA ILE A 331 15.74 37.67 -9.32
C ILE A 331 17.20 37.85 -8.84
N GLY A 332 18.04 36.83 -9.09
CA GLY A 332 19.42 36.81 -8.62
C GLY A 332 19.62 36.81 -7.11
N SER A 333 18.70 36.21 -6.35
CA SER A 333 18.80 36.16 -4.88
C SER A 333 18.81 34.71 -4.38
N LYS A 334 18.72 34.55 -3.07
CA LYS A 334 18.78 33.23 -2.40
C LYS A 334 17.91 33.34 -1.16
N ASP A 335 17.61 32.21 -0.54
CA ASP A 335 16.95 32.22 0.77
C ASP A 335 17.98 32.54 1.84
N ASP A 336 18.21 33.83 2.04
CA ASP A 336 19.10 34.35 3.06
C ASP A 336 18.31 34.82 4.31
N GLY A 337 17.01 34.52 4.38
CA GLY A 337 16.15 34.94 5.49
C GLY A 337 15.91 36.45 5.63
N LYS A 338 16.27 37.26 4.63
CA LYS A 338 16.09 38.72 4.70
C LYS A 338 14.68 39.13 4.16
N LEU A 339 13.84 39.67 5.03
CA LEU A 339 12.50 40.13 4.66
C LEU A 339 12.48 41.42 3.85
N ASP A 340 13.52 42.24 3.97
CA ASP A 340 13.66 43.48 3.20
C ASP A 340 12.58 44.53 3.44
N LEU A 341 12.11 44.65 4.68
CA LEU A 341 10.99 45.55 5.00
C LEU A 341 11.46 46.99 5.25
N PHE B 23 11.21 0.86 -47.70
CA PHE B 23 12.07 0.36 -46.57
C PHE B 23 12.13 -1.17 -46.54
N ALA B 24 13.34 -1.72 -46.35
CA ALA B 24 13.58 -3.16 -46.43
C ALA B 24 13.59 -3.79 -45.04
N VAL B 25 13.33 -5.09 -44.95
CA VAL B 25 13.53 -5.83 -43.70
C VAL B 25 15.02 -5.85 -43.40
N GLY B 26 15.39 -5.44 -42.19
CA GLY B 26 16.79 -5.33 -41.77
C GLY B 26 17.48 -4.02 -42.09
N GLU B 27 16.81 -3.08 -42.75
CA GLU B 27 17.43 -1.80 -43.11
C GLU B 27 17.79 -0.95 -41.89
N ILE B 28 18.97 -0.34 -41.91
CA ILE B 28 19.50 0.42 -40.77
C ILE B 28 19.23 1.90 -41.05
N ILE B 29 18.54 2.56 -40.13
CA ILE B 29 18.29 4.02 -40.22
C ILE B 29 18.82 4.72 -38.97
N THR B 30 19.18 5.99 -39.13
CA THR B 30 19.80 6.78 -38.06
C THR B 30 18.94 8.01 -37.71
N ASP B 31 18.59 8.12 -36.43
CA ASP B 31 17.77 9.23 -35.94
C ASP B 31 18.64 10.50 -35.66
N MET B 32 18.03 11.53 -35.08
CA MET B 32 18.74 12.78 -34.75
C MET B 32 19.72 12.65 -33.58
N ALA B 33 19.52 11.67 -32.71
CA ALA B 33 20.47 11.35 -31.63
C ALA B 33 21.68 10.53 -32.11
N ALA B 34 21.78 10.28 -33.41
CA ALA B 34 22.79 9.38 -33.98
C ALA B 34 22.60 7.92 -33.54
N ALA B 35 21.37 7.55 -33.17
CA ALA B 35 21.09 6.19 -32.74
C ALA B 35 20.56 5.39 -33.92
N ALA B 36 21.20 4.26 -34.19
CA ALA B 36 20.82 3.38 -35.30
C ALA B 36 19.66 2.48 -34.88
N TRP B 37 18.73 2.27 -35.80
CA TRP B 37 17.57 1.37 -35.64
C TRP B 37 17.47 0.45 -36.85
N LYS B 38 17.13 -0.82 -36.64
CA LYS B 38 16.92 -1.77 -37.74
C LYS B 38 15.42 -1.88 -38.00
N VAL B 39 15.04 -1.89 -39.26
CA VAL B 39 13.62 -2.00 -39.66
C VAL B 39 13.21 -3.48 -39.68
N GLY B 40 12.00 -3.78 -39.19
CA GLY B 40 11.40 -5.13 -39.23
C GLY B 40 10.37 -5.27 -40.34
N LEU B 41 9.48 -6.25 -40.21
CA LEU B 41 8.41 -6.45 -41.22
C LEU B 41 7.31 -5.37 -41.07
N PRO B 42 6.70 -4.95 -42.19
CA PRO B 42 5.55 -4.03 -42.09
C PRO B 42 4.36 -4.57 -41.29
N ILE B 43 3.62 -3.66 -40.66
CA ILE B 43 2.42 -4.00 -39.90
C ILE B 43 1.17 -3.70 -40.75
N GLY B 44 1.10 -2.47 -41.28
CA GLY B 44 -0.04 -2.02 -42.10
C GLY B 44 -0.03 -0.52 -42.40
N GLN B 45 -1.23 0.08 -42.49
CA GLN B 45 -1.42 1.52 -42.69
C GLN B 45 -0.72 2.09 -43.93
N CYS B 50 3.07 4.19 -44.16
CA CYS B 50 3.43 2.82 -43.84
C CYS B 50 4.08 2.74 -42.45
N ILE B 51 3.80 1.66 -41.71
CA ILE B 51 4.41 1.43 -40.38
C ILE B 51 5.13 0.08 -40.33
N TYR B 52 6.33 0.05 -39.76
CA TYR B 52 7.13 -1.18 -39.62
C TYR B 52 7.52 -1.44 -38.16
N LEU B 53 7.75 -2.70 -37.81
CA LEU B 53 8.38 -3.02 -36.52
C LEU B 53 9.79 -2.48 -36.56
N ALA B 54 10.39 -2.28 -35.40
CA ALA B 54 11.72 -1.66 -35.32
C ALA B 54 12.37 -1.97 -33.98
N ASP B 55 13.71 -1.91 -33.94
CA ASP B 55 14.43 -2.06 -32.65
C ASP B 55 15.81 -1.41 -32.75
N MET B 56 16.42 -1.17 -31.57
CA MET B 56 17.81 -0.70 -31.47
C MET B 56 18.70 -1.67 -32.22
N ASN B 57 19.37 -1.16 -33.25
CA ASN B 57 20.19 -1.96 -34.17
C ASN B 57 21.16 -2.84 -33.39
N SER B 58 21.23 -4.10 -33.80
CA SER B 58 22.10 -5.09 -33.16
C SER B 58 22.53 -6.12 -34.20
N SER B 59 23.53 -6.93 -33.85
CA SER B 59 23.97 -8.05 -34.67
C SER B 59 22.92 -9.16 -34.57
N GLU B 60 21.74 -8.88 -35.15
CA GLU B 60 20.49 -9.65 -34.95
C GLU B 60 19.32 -8.96 -35.65
N SER B 61 18.24 -9.72 -35.83
CA SER B 61 17.04 -9.25 -36.53
C SER B 61 15.94 -8.87 -35.58
N VAL B 62 15.05 -8.00 -36.06
CA VAL B 62 13.96 -7.47 -35.26
C VAL B 62 12.90 -8.57 -35.18
N GLY B 63 12.61 -9.03 -33.96
CA GLY B 63 11.61 -10.08 -33.75
C GLY B 63 10.17 -9.60 -33.95
N SER B 64 9.26 -10.58 -34.08
CA SER B 64 7.80 -10.35 -34.06
C SER B 64 7.34 -9.64 -32.78
N ASP B 65 8.17 -9.70 -31.74
CA ASP B 65 7.93 -9.04 -30.44
C ASP B 65 8.76 -7.75 -30.20
N ALA B 66 9.14 -7.06 -31.28
CA ALA B 66 9.85 -5.76 -31.19
C ALA B 66 9.14 -4.78 -30.25
N PRO B 67 9.92 -3.97 -29.48
CA PRO B 67 9.27 -3.04 -28.56
C PRO B 67 8.92 -1.69 -29.18
N CYS B 68 9.20 -1.50 -30.47
CA CYS B 68 9.05 -0.21 -31.17
C CYS B 68 8.50 -0.37 -32.59
N VAL B 69 7.99 0.74 -33.13
CA VAL B 69 7.65 0.84 -34.54
C VAL B 69 8.29 2.07 -35.16
N VAL B 70 8.39 2.04 -36.47
CA VAL B 70 8.86 3.18 -37.24
C VAL B 70 7.75 3.56 -38.23
N LYS B 71 7.32 4.82 -38.17
CA LYS B 71 6.37 5.41 -39.13
C LYS B 71 7.18 6.16 -40.15
N VAL B 72 6.77 6.10 -41.42
CA VAL B 72 7.58 6.62 -42.53
C VAL B 72 6.65 7.28 -43.56
N GLU B 73 7.12 8.40 -44.08
CA GLU B 73 6.45 9.18 -45.09
C GLU B 73 7.48 9.98 -45.88
N PRO B 74 7.03 10.55 -47.00
CA PRO B 74 7.89 11.44 -47.76
C PRO B 74 8.04 12.72 -46.94
N SER B 75 9.20 13.35 -47.00
CA SER B 75 9.42 14.54 -46.19
C SER B 75 8.44 15.67 -46.49
N ASP B 76 8.12 15.86 -47.76
CA ASP B 76 7.19 16.90 -48.17
C ASP B 76 5.77 16.67 -47.63
N ASN B 77 5.46 15.43 -47.25
CA ASN B 77 4.11 15.12 -46.75
C ASN B 77 3.77 15.80 -45.42
N GLY B 78 2.60 16.38 -45.35
CA GLY B 78 2.14 17.05 -44.15
C GLY B 78 1.86 16.28 -42.88
N PRO B 79 1.21 15.12 -42.96
CA PRO B 79 0.82 14.38 -41.76
C PRO B 79 1.95 13.99 -40.81
N LEU B 80 3.06 13.50 -41.33
CA LEU B 80 4.18 13.12 -40.47
C LEU B 80 4.75 14.33 -39.75
N PHE B 81 4.83 15.45 -40.47
CA PHE B 81 5.36 16.69 -39.93
C PHE B 81 4.51 17.20 -38.77
N THR B 82 3.18 17.10 -38.91
CA THR B 82 2.27 17.53 -37.86
C THR B 82 2.50 16.70 -36.60
N GLU B 83 2.41 15.38 -36.76
CA GLU B 83 2.62 14.45 -35.67
C GLU B 83 3.98 14.70 -34.94
N LEU B 84 5.03 14.94 -35.71
CA LEU B 84 6.36 15.19 -35.18
C LEU B 84 6.41 16.49 -34.33
N LYS B 85 5.85 17.60 -34.82
CA LYS B 85 5.77 18.84 -34.04
C LYS B 85 4.97 18.62 -32.74
N PHE B 86 3.89 17.85 -32.81
CA PHE B 86 3.12 17.54 -31.62
C PHE B 86 3.95 16.86 -30.56
N TYR B 87 4.66 15.78 -30.93
CA TYR B 87 5.45 15.05 -29.94
C TYR B 87 6.58 15.91 -29.35
N GLN B 88 7.26 16.67 -30.21
CA GLN B 88 8.31 17.58 -29.79
C GLN B 88 7.86 18.72 -28.88
N ARG B 89 6.62 19.19 -29.05
CA ARG B 89 6.14 20.36 -28.32
C ARG B 89 5.38 19.96 -27.06
N ALA B 90 4.52 18.95 -27.18
CA ALA B 90 3.52 18.65 -26.17
C ALA B 90 3.63 17.28 -25.53
N ALA B 91 4.46 16.37 -26.05
CA ALA B 91 4.43 15.00 -25.57
C ALA B 91 5.80 14.35 -25.47
N LYS B 92 6.71 15.15 -24.97
CA LYS B 92 8.03 14.69 -24.62
C LYS B 92 7.83 13.78 -23.41
N PRO B 93 8.71 12.80 -23.25
CA PRO B 93 8.58 11.84 -22.16
C PRO B 93 8.57 12.50 -20.79
N GLU B 94 9.37 13.54 -20.58
CA GLU B 94 9.38 14.23 -19.31
C GLU B 94 8.03 14.88 -19.01
N GLN B 95 7.40 15.47 -20.01
CA GLN B 95 6.09 16.12 -19.85
C GLN B 95 5.03 15.11 -19.43
N ILE B 96 5.07 13.94 -20.05
CA ILE B 96 4.13 12.86 -19.75
C ILE B 96 4.30 12.34 -18.31
N GLN B 97 5.55 12.08 -17.94
CA GLN B 97 5.89 11.57 -16.61
C GLN B 97 5.54 12.58 -15.52
N LYS B 98 5.76 13.86 -15.79
CA LYS B 98 5.40 14.91 -14.86
C LYS B 98 3.87 14.94 -14.64
N TRP B 99 3.11 14.75 -15.73
CA TRP B 99 1.65 14.75 -15.64
C TRP B 99 1.15 13.53 -14.86
N ILE B 100 1.70 12.37 -15.17
CA ILE B 100 1.35 11.15 -14.42
C ILE B 100 1.55 11.33 -12.89
N ARG B 101 2.70 11.87 -12.53
CA ARG B 101 3.03 12.15 -11.12
C ARG B 101 2.03 13.15 -10.50
N THR B 102 1.92 14.34 -11.08
CA THR B 102 1.14 15.43 -10.50
C THR B 102 -0.38 15.19 -10.47
N ARG B 103 -0.91 14.41 -11.42
CA ARG B 103 -2.34 14.08 -11.44
CA ARG B 103 -2.34 14.10 -11.46
C ARG B 103 -2.60 12.73 -10.80
N LYS B 104 -1.56 12.08 -10.28
CA LYS B 104 -1.68 10.84 -9.53
C LYS B 104 -2.36 9.74 -10.37
N LEU B 105 -1.89 9.58 -11.60
CA LEU B 105 -2.42 8.56 -12.52
C LEU B 105 -1.63 7.25 -12.44
N LYS B 106 -2.32 6.14 -12.68
CA LYS B 106 -1.70 4.85 -12.88
C LYS B 106 -0.80 4.89 -14.13
N TYR B 107 -1.32 5.43 -15.23
CA TYR B 107 -0.57 5.58 -16.50
C TYR B 107 -1.24 6.70 -17.31
N LEU B 108 -0.64 7.10 -18.42
CA LEU B 108 -1.28 8.05 -19.37
C LEU B 108 -1.15 7.46 -20.78
N GLY B 109 -2.26 7.28 -21.48
CA GLY B 109 -2.21 6.62 -22.80
C GLY B 109 -1.79 7.51 -23.96
N VAL B 110 -0.70 8.26 -23.78
CA VAL B 110 -0.02 8.97 -24.84
C VAL B 110 1.23 8.18 -25.20
N PRO B 111 1.42 7.88 -26.49
CA PRO B 111 2.58 7.01 -26.81
C PRO B 111 3.94 7.64 -26.53
N LYS B 112 4.92 6.78 -26.24
CA LYS B 112 6.30 7.20 -26.12
C LYS B 112 6.91 7.42 -27.50
N TYR B 113 7.41 8.63 -27.70
CA TYR B 113 8.21 9.04 -28.85
C TYR B 113 9.68 8.71 -28.47
N TRP B 114 10.32 7.85 -29.27
CA TRP B 114 11.71 7.41 -29.02
C TRP B 114 12.74 8.14 -29.87
N GLY B 115 12.31 8.76 -30.97
CA GLY B 115 13.23 9.45 -31.88
C GLY B 115 12.67 9.61 -33.28
N SER B 116 13.36 10.37 -34.12
CA SER B 116 12.95 10.66 -35.48
C SER B 116 14.13 11.12 -36.34
N GLY B 117 13.94 11.16 -37.64
CA GLY B 117 14.99 11.64 -38.54
C GLY B 117 14.60 11.62 -40.01
N LEU B 118 15.60 11.73 -40.88
CA LEU B 118 15.45 11.51 -42.32
C LEU B 118 16.29 10.31 -42.72
N HIS B 119 15.99 9.73 -43.88
CA HIS B 119 16.76 8.62 -44.44
C HIS B 119 16.80 8.72 -45.97
N SER B 125 14.45 10.49 -50.16
CA SER B 125 14.41 11.28 -48.93
C SER B 125 13.12 11.04 -48.15
N TYR B 126 13.23 10.34 -47.03
CA TYR B 126 12.05 10.02 -46.22
C TYR B 126 12.16 10.46 -44.76
N ARG B 127 11.09 11.04 -44.21
CA ARG B 127 10.95 11.36 -42.78
C ARG B 127 10.54 10.10 -42.01
N PHE B 128 10.97 9.95 -40.76
CA PHE B 128 10.54 8.82 -39.94
C PHE B 128 10.44 9.14 -38.47
N MET B 129 9.54 8.45 -37.77
CA MET B 129 9.41 8.52 -36.31
C MET B 129 9.47 7.12 -35.69
N ILE B 130 10.18 6.98 -34.57
CA ILE B 130 10.22 5.74 -33.79
C ILE B 130 9.30 5.90 -32.61
N MET B 131 8.27 5.05 -32.53
CA MET B 131 7.26 5.10 -31.48
C MET B 131 7.15 3.77 -30.74
N ASP B 132 6.48 3.78 -29.59
CA ASP B 132 6.15 2.50 -28.93
C ASP B 132 5.48 1.52 -29.90
N ARG B 133 5.75 0.23 -29.69
CA ARG B 133 4.97 -0.86 -30.27
C ARG B 133 3.88 -1.26 -29.29
N PHE B 134 2.63 -1.31 -29.78
CA PHE B 134 1.47 -1.66 -28.97
C PHE B 134 0.98 -3.07 -29.31
N GLY B 135 -0.08 -3.50 -28.60
CA GLY B 135 -0.77 -4.74 -28.92
C GLY B 135 -1.87 -4.46 -29.92
N SER B 136 -3.02 -5.10 -29.74
CA SER B 136 -4.15 -4.93 -30.64
C SER B 136 -4.77 -3.55 -30.57
N ASP B 137 -5.39 -3.17 -31.68
CA ASP B 137 -6.30 -2.03 -31.72
C ASP B 137 -7.66 -2.48 -31.21
N LEU B 138 -8.46 -1.54 -30.70
CA LEU B 138 -9.79 -1.86 -30.14
C LEU B 138 -10.87 -2.23 -31.17
N GLN B 139 -10.74 -1.76 -32.42
CA GLN B 139 -11.69 -2.04 -33.50
C GLN B 139 -11.71 -3.54 -33.80
N LYS B 140 -10.52 -4.13 -33.91
CA LYS B 140 -10.41 -5.58 -34.11
C LYS B 140 -11.14 -6.36 -32.99
N ILE B 141 -10.94 -5.95 -31.73
CA ILE B 141 -11.58 -6.62 -30.58
C ILE B 141 -13.09 -6.41 -30.54
N TYR B 142 -13.52 -5.18 -30.86
CA TYR B 142 -14.94 -4.81 -31.00
C TYR B 142 -15.68 -5.69 -32.01
N GLU B 143 -15.06 -5.86 -33.17
CA GLU B 143 -15.62 -6.69 -34.22
C GLU B 143 -15.66 -8.15 -33.82
N ALA B 144 -14.67 -8.60 -33.04
CA ALA B 144 -14.68 -9.98 -32.52
C ALA B 144 -15.78 -10.21 -31.48
N ASN B 145 -16.26 -9.13 -30.85
CA ASN B 145 -17.32 -9.18 -29.85
C ASN B 145 -18.71 -8.89 -30.44
N ALA B 146 -18.86 -9.11 -31.76
CA ALA B 146 -20.09 -8.82 -32.50
C ALA B 146 -20.51 -7.34 -32.39
N LYS B 147 -19.52 -6.45 -32.46
CA LYS B 147 -19.68 -4.99 -32.37
C LYS B 147 -20.46 -4.52 -31.15
N ARG B 148 -20.02 -5.02 -30.00
CA ARG B 148 -20.48 -4.54 -28.70
C ARG B 148 -19.32 -4.49 -27.73
N PHE B 149 -19.22 -3.39 -26.98
CA PHE B 149 -18.50 -3.42 -25.71
C PHE B 149 -19.54 -3.29 -24.61
N SER B 150 -19.34 -3.98 -23.49
CA SER B 150 -20.18 -3.82 -22.31
C SER B 150 -20.08 -2.39 -21.73
N ARG B 151 -21.06 -2.03 -20.91
CA ARG B 151 -21.13 -0.73 -20.26
C ARG B 151 -19.89 -0.42 -19.41
N LYS B 152 -19.45 -1.44 -18.68
CA LYS B 152 -18.23 -1.43 -17.87
C LYS B 152 -17.01 -1.05 -18.69
N THR B 153 -16.79 -1.78 -19.79
CA THR B 153 -15.70 -1.50 -20.74
C THR B 153 -15.74 -0.08 -21.30
N VAL B 154 -16.92 0.34 -21.75
CA VAL B 154 -17.07 1.66 -22.36
C VAL B 154 -16.77 2.76 -21.33
N LEU B 155 -17.24 2.62 -20.09
CA LEU B 155 -16.96 3.62 -19.07
C LEU B 155 -15.47 3.67 -18.71
N GLN B 156 -14.85 2.48 -18.56
CA GLN B 156 -13.45 2.36 -18.21
C GLN B 156 -12.56 2.85 -19.33
N LEU B 157 -12.93 2.58 -20.59
CA LEU B 157 -12.21 3.17 -21.73
C LEU B 157 -12.26 4.67 -21.73
N SER B 158 -13.48 5.19 -21.57
CA SER B 158 -13.74 6.62 -21.70
C SER B 158 -13.08 7.45 -20.59
N LEU B 159 -12.98 6.91 -19.39
CA LEU B 159 -12.24 7.57 -18.31
C LEU B 159 -10.77 7.77 -18.67
N ARG B 160 -10.13 6.76 -19.26
CA ARG B 160 -8.74 6.85 -19.64
C ARG B 160 -8.57 7.78 -20.86
N ILE B 161 -9.55 7.76 -21.76
CA ILE B 161 -9.52 8.71 -22.88
C ILE B 161 -9.71 10.16 -22.40
N LEU B 162 -10.54 10.39 -21.37
CA LEU B 162 -10.65 11.72 -20.80
C LEU B 162 -9.31 12.20 -20.23
N ASP B 163 -8.56 11.30 -19.60
CA ASP B 163 -7.22 11.62 -19.11
C ASP B 163 -6.31 12.09 -20.23
N ILE B 164 -6.31 11.35 -21.35
CA ILE B 164 -5.49 11.65 -22.51
C ILE B 164 -5.94 13.00 -23.13
N LEU B 165 -7.25 13.17 -23.28
CA LEU B 165 -7.76 14.40 -23.86
C LEU B 165 -7.39 15.62 -23.01
N GLU B 166 -7.54 15.53 -21.70
CA GLU B 166 -7.23 16.65 -20.84
C GLU B 166 -5.75 17.00 -20.95
N TYR B 167 -4.87 15.98 -21.00
CA TYR B 167 -3.43 16.18 -21.19
C TYR B 167 -3.17 16.97 -22.47
N ILE B 168 -3.70 16.49 -23.59
CA ILE B 168 -3.35 17.16 -24.85
C ILE B 168 -3.94 18.55 -24.94
N HIS B 169 -5.16 18.71 -24.42
CA HIS B 169 -5.85 19.99 -24.44
C HIS B 169 -5.09 21.02 -23.61
N GLU B 170 -4.61 20.60 -22.44
CA GLU B 170 -3.79 21.48 -21.61
C GLU B 170 -2.42 21.74 -22.19
N HIS B 171 -1.98 20.96 -23.17
CA HIS B 171 -0.76 21.24 -23.91
C HIS B 171 -1.08 21.76 -25.33
N GLU B 172 -2.24 22.39 -25.51
CA GLU B 172 -2.56 23.25 -26.65
C GLU B 172 -3.04 22.51 -27.91
N TYR B 173 -3.31 21.22 -27.79
CA TYR B 173 -3.69 20.41 -28.95
C TYR B 173 -5.02 19.71 -28.75
N VAL B 174 -5.70 19.46 -29.87
CA VAL B 174 -6.81 18.50 -29.94
C VAL B 174 -6.48 17.44 -30.97
N HIS B 175 -7.08 16.27 -30.82
CA HIS B 175 -6.79 15.10 -31.68
C HIS B 175 -7.64 15.07 -32.94
N GLY B 176 -8.95 15.26 -32.77
CA GLY B 176 -9.90 15.32 -33.90
C GLY B 176 -10.33 14.01 -34.56
N ASP B 177 -9.88 12.86 -34.04
CA ASP B 177 -10.12 11.59 -34.72
C ASP B 177 -10.08 10.38 -33.78
N ILE B 178 -10.68 10.55 -32.61
CA ILE B 178 -10.85 9.47 -31.66
C ILE B 178 -11.80 8.41 -32.26
N LYS B 179 -11.37 7.16 -32.23
CA LYS B 179 -12.14 6.01 -32.74
C LYS B 179 -11.40 4.71 -32.35
N ALA B 180 -12.13 3.61 -32.40
CA ALA B 180 -11.61 2.31 -31.96
C ALA B 180 -10.30 1.90 -32.66
N SER B 181 -10.16 2.25 -33.95
CA SER B 181 -8.97 1.87 -34.73
C SER B 181 -7.71 2.70 -34.41
N ASN B 182 -7.88 3.84 -33.70
CA ASN B 182 -6.78 4.66 -33.17
C ASN B 182 -6.56 4.48 -31.64
N LEU B 183 -7.10 3.39 -31.09
CA LEU B 183 -6.98 3.08 -29.68
C LEU B 183 -6.34 1.71 -29.58
N LEU B 184 -5.10 1.68 -29.13
CA LEU B 184 -4.31 0.46 -29.02
C LEU B 184 -3.93 0.11 -27.60
N LEU B 185 -3.96 -1.18 -27.29
CA LEU B 185 -3.61 -1.65 -25.93
C LEU B 185 -2.10 -1.70 -25.72
N ASN B 186 -1.67 -1.44 -24.49
CA ASN B 186 -0.26 -1.59 -24.12
C ASN B 186 0.08 -3.06 -24.40
N TYR B 187 1.20 -3.31 -25.09
CA TYR B 187 1.62 -4.66 -25.49
C TYR B 187 1.87 -5.59 -24.29
N LYS B 188 2.39 -5.03 -23.20
CA LYS B 188 2.63 -5.75 -21.96
C LYS B 188 1.51 -5.55 -20.92
N ASN B 189 0.40 -4.89 -21.28
CA ASN B 189 -0.67 -4.66 -20.30
C ASN B 189 -2.01 -4.39 -20.97
N PRO B 190 -2.87 -5.43 -21.09
CA PRO B 190 -4.15 -5.29 -21.78
C PRO B 190 -5.25 -4.46 -21.10
N ASP B 191 -5.01 -3.92 -19.89
CA ASP B 191 -5.94 -2.95 -19.26
C ASP B 191 -5.59 -1.49 -19.57
N GLN B 192 -4.50 -1.26 -20.30
CA GLN B 192 -4.06 0.09 -20.61
C GLN B 192 -4.28 0.38 -22.06
N VAL B 193 -5.00 1.45 -22.33
CA VAL B 193 -5.35 1.86 -23.70
C VAL B 193 -4.69 3.20 -24.03
N TYR B 194 -4.15 3.28 -25.25
CA TYR B 194 -3.48 4.47 -25.77
C TYR B 194 -4.19 5.02 -26.99
N LEU B 195 -4.19 6.34 -27.12
CA LEU B 195 -4.69 7.02 -28.29
C LEU B 195 -3.53 7.31 -29.23
N VAL B 196 -3.61 6.84 -30.49
CA VAL B 196 -2.54 7.03 -31.48
C VAL B 196 -3.00 7.91 -32.66
N ASP B 197 -2.06 8.16 -33.58
CA ASP B 197 -2.28 8.91 -34.83
C ASP B 197 -2.68 10.35 -34.58
N TYR B 198 -1.67 11.18 -34.40
CA TYR B 198 -1.83 12.61 -34.21
C TYR B 198 -1.59 13.36 -35.54
N GLY B 199 -1.75 12.67 -36.67
CA GLY B 199 -1.57 13.28 -38.00
C GLY B 199 -2.60 14.36 -38.31
N LEU B 200 -3.80 14.23 -37.75
CA LEU B 200 -4.84 15.27 -37.86
C LEU B 200 -4.87 16.21 -36.63
N ALA B 201 -3.91 16.11 -35.71
CA ALA B 201 -3.98 16.96 -34.53
C ALA B 201 -3.85 18.42 -34.90
N TYR B 202 -4.45 19.26 -34.09
CA TYR B 202 -4.51 20.67 -34.38
C TYR B 202 -4.09 21.43 -33.14
N ARG B 203 -3.21 22.40 -33.30
CA ARG B 203 -2.84 23.25 -32.18
C ARG B 203 -3.86 24.40 -32.07
N TYR B 204 -4.90 24.14 -31.30
CA TYR B 204 -6.07 25.05 -31.18
C TYR B 204 -5.77 26.30 -30.32
N CYS B 205 -4.67 26.25 -29.56
CA CYS B 205 -4.41 27.25 -28.52
C CYS B 205 -2.97 27.74 -28.44
N PRO B 206 -2.36 28.11 -29.58
CA PRO B 206 -0.95 28.50 -29.54
C PRO B 206 -0.68 29.67 -28.56
N GLU B 207 0.21 29.41 -27.60
CA GLU B 207 0.59 30.34 -26.52
C GLU B 207 -0.60 30.87 -25.70
N GLY B 208 -1.56 29.99 -25.47
CA GLY B 208 -2.76 30.31 -24.72
C GLY B 208 -3.77 31.21 -25.37
N VAL B 209 -3.64 31.47 -26.67
CA VAL B 209 -4.64 32.24 -27.42
C VAL B 209 -5.47 31.30 -28.31
N HIS B 210 -6.75 31.12 -27.96
CA HIS B 210 -7.65 30.22 -28.66
C HIS B 210 -7.94 30.70 -30.09
N LYS B 211 -7.86 29.77 -31.05
CA LYS B 211 -8.27 29.99 -32.43
C LYS B 211 -9.70 30.56 -32.48
N ALA B 212 -9.93 31.60 -33.27
CA ALA B 212 -11.26 32.21 -33.33
C ALA B 212 -12.16 31.34 -34.24
N TYR B 213 -13.44 31.27 -33.91
CA TYR B 213 -14.41 30.53 -34.73
C TYR B 213 -14.45 31.10 -36.15
N ALA B 214 -14.28 30.24 -37.16
CA ALA B 214 -14.58 30.57 -38.56
C ALA B 214 -14.78 29.29 -39.36
N ALA B 215 -15.67 29.37 -40.34
CA ALA B 215 -15.96 28.25 -41.20
C ALA B 215 -15.14 28.38 -42.47
N ASP B 216 -14.37 27.35 -42.74
CA ASP B 216 -13.51 27.30 -43.91
C ASP B 216 -14.05 26.17 -44.74
N PRO B 217 -14.34 26.45 -46.01
CA PRO B 217 -14.86 25.45 -46.95
C PRO B 217 -13.88 24.30 -47.14
N LYS B 218 -12.59 24.59 -47.15
CA LYS B 218 -11.54 23.60 -47.28
C LYS B 218 -11.56 22.58 -46.14
N ARG B 219 -11.89 23.01 -44.93
CA ARG B 219 -11.94 22.13 -43.77
C ARG B 219 -13.21 21.28 -43.58
N CYS B 220 -14.26 21.50 -44.37
CA CYS B 220 -15.53 20.79 -44.12
C CYS B 220 -15.35 19.30 -44.13
N HIS B 221 -15.84 18.66 -43.08
CA HIS B 221 -15.90 17.20 -42.98
C HIS B 221 -14.54 16.52 -42.72
N ASP B 222 -13.56 17.29 -42.21
CA ASP B 222 -12.32 16.71 -41.71
C ASP B 222 -12.67 15.75 -40.58
N GLY B 223 -11.90 14.67 -40.46
CA GLY B 223 -12.11 13.64 -39.45
C GLY B 223 -12.65 12.35 -40.08
N THR B 224 -13.07 11.42 -39.24
CA THR B 224 -13.78 10.23 -39.69
C THR B 224 -15.27 10.57 -39.67
N ILE B 225 -15.88 10.52 -40.86
CA ILE B 225 -17.22 11.12 -41.08
C ILE B 225 -18.27 10.67 -40.05
N GLU B 226 -18.29 9.37 -39.72
CA GLU B 226 -19.32 8.88 -38.78
C GLU B 226 -19.19 9.38 -37.35
N PHE B 227 -17.96 9.77 -36.95
CA PHE B 227 -17.64 10.21 -35.57
C PHE B 227 -17.27 11.69 -35.44
N THR B 228 -16.97 12.37 -36.56
CA THR B 228 -16.41 13.70 -36.46
C THR B 228 -17.42 14.74 -35.88
N SER B 229 -16.90 15.87 -35.47
CA SER B 229 -17.71 16.89 -34.82
C SER B 229 -18.56 17.71 -35.81
N ILE B 230 -19.65 18.26 -35.28
CA ILE B 230 -20.45 19.25 -36.00
C ILE B 230 -19.54 20.40 -36.46
N ASP B 231 -18.67 20.89 -35.59
CA ASP B 231 -17.71 21.94 -35.95
C ASP B 231 -16.93 21.57 -37.21
N ALA B 232 -16.39 20.37 -37.26
CA ALA B 232 -15.61 19.91 -38.40
C ALA B 232 -16.46 19.77 -39.68
N HIS B 233 -17.70 19.28 -39.52
CA HIS B 233 -18.63 19.25 -40.64
C HIS B 233 -18.80 20.66 -41.19
N ASN B 234 -18.89 21.66 -40.29
CA ASN B 234 -19.11 23.05 -40.72
C ASN B 234 -17.81 23.70 -41.22
N GLY B 235 -16.71 22.96 -41.22
CA GLY B 235 -15.45 23.52 -41.66
C GLY B 235 -14.79 24.43 -40.65
N VAL B 236 -15.09 24.20 -39.38
CA VAL B 236 -14.53 24.97 -38.28
C VAL B 236 -13.35 24.15 -37.77
N ALA B 237 -12.23 24.81 -37.51
CA ALA B 237 -11.05 24.14 -36.95
C ALA B 237 -11.43 23.43 -35.64
N PRO B 238 -10.93 22.19 -35.44
CA PRO B 238 -11.34 21.42 -34.26
C PRO B 238 -10.97 22.12 -32.92
N SER B 239 -11.86 22.03 -31.94
CA SER B 239 -11.57 22.51 -30.60
C SER B 239 -11.93 21.48 -29.57
N ARG B 240 -11.87 21.85 -28.30
CA ARG B 240 -12.01 20.88 -27.23
C ARG B 240 -13.38 20.20 -27.19
N ARG B 241 -14.44 20.97 -27.41
CA ARG B 241 -15.76 20.38 -27.35
C ARG B 241 -15.89 19.29 -28.42
N GLY B 242 -15.25 19.50 -29.54
CA GLY B 242 -15.32 18.56 -30.67
C GLY B 242 -14.72 17.22 -30.28
N ASP B 243 -13.57 17.22 -29.60
CA ASP B 243 -12.95 15.94 -29.13
C ASP B 243 -13.89 15.17 -28.21
N LEU B 244 -14.60 15.90 -27.32
CA LEU B 244 -15.52 15.26 -26.40
C LEU B 244 -16.79 14.77 -27.13
N GLU B 245 -17.20 15.48 -28.18
CA GLU B 245 -18.34 15.13 -28.99
C GLU B 245 -18.04 13.82 -29.71
N ILE B 246 -16.86 13.74 -30.30
CA ILE B 246 -16.39 12.53 -30.96
C ILE B 246 -16.40 11.33 -29.99
N LEU B 247 -15.86 11.52 -28.79
CA LEU B 247 -15.88 10.46 -27.77
C LEU B 247 -17.33 10.01 -27.47
N GLY B 248 -18.28 10.96 -27.44
CA GLY B 248 -19.70 10.67 -27.25
C GLY B 248 -20.26 9.70 -28.31
N TYR B 249 -20.01 10.01 -29.58
CA TYR B 249 -20.44 9.16 -30.67
C TYR B 249 -19.78 7.80 -30.62
N CYS B 250 -18.51 7.77 -30.28
CA CYS B 250 -17.82 6.51 -30.09
C CYS B 250 -18.48 5.65 -29.02
N MET B 251 -18.82 6.25 -27.87
CA MET B 251 -19.38 5.49 -26.73
C MET B 251 -20.70 4.84 -27.16
N ILE B 252 -21.54 5.61 -27.87
CA ILE B 252 -22.82 5.12 -28.37
C ILE B 252 -22.59 3.99 -29.37
N GLN B 253 -21.63 4.18 -30.29
CA GLN B 253 -21.28 3.14 -31.26
C GLN B 253 -20.96 1.84 -30.53
N TRP B 254 -20.06 1.97 -29.55
CA TRP B 254 -19.55 0.82 -28.81
C TRP B 254 -20.63 0.10 -28.02
N LEU B 255 -21.52 0.87 -27.40
CA LEU B 255 -22.60 0.32 -26.60
C LEU B 255 -23.66 -0.42 -27.44
N THR B 256 -24.04 0.13 -28.59
CA THR B 256 -25.23 -0.30 -29.34
C THR B 256 -24.92 -0.98 -30.69
N GLY B 257 -23.67 -0.93 -31.15
CA GLY B 257 -23.32 -1.41 -32.49
C GLY B 257 -23.64 -0.45 -33.65
N HIS B 258 -24.24 0.71 -33.35
CA HIS B 258 -24.80 1.58 -34.38
C HIS B 258 -24.72 3.06 -34.04
N LEU B 259 -24.86 3.85 -35.10
CA LEU B 259 -25.18 5.28 -35.03
C LEU B 259 -26.29 5.55 -36.06
N PRO B 260 -27.19 6.53 -35.78
CA PRO B 260 -28.36 6.72 -36.63
C PRO B 260 -28.06 7.08 -38.09
N TRP B 261 -26.92 7.73 -38.35
CA TRP B 261 -26.58 8.27 -39.70
C TRP B 261 -25.69 7.29 -40.52
N GLU B 262 -25.44 6.09 -39.97
CA GLU B 262 -24.47 5.15 -40.53
C GLU B 262 -24.85 4.57 -41.90
N ASP B 263 -26.12 4.63 -42.30
CA ASP B 263 -26.50 4.18 -43.65
C ASP B 263 -26.35 5.21 -44.74
N ASN B 264 -26.03 6.46 -44.39
CA ASN B 264 -25.82 7.48 -45.40
C ASN B 264 -24.55 8.30 -45.18
N LEU B 265 -23.44 7.57 -45.00
CA LEU B 265 -22.13 8.18 -44.82
C LEU B 265 -21.50 8.71 -46.08
N LYS B 266 -22.01 8.32 -47.24
CA LYS B 266 -21.61 8.95 -48.49
C LYS B 266 -22.26 10.33 -48.76
N ASP B 267 -23.11 10.80 -47.84
CA ASP B 267 -23.75 12.12 -47.96
C ASP B 267 -23.35 12.95 -46.74
N PRO B 268 -22.26 13.71 -46.87
CA PRO B 268 -21.75 14.45 -45.71
C PRO B 268 -22.72 15.48 -45.11
N LYS B 269 -23.47 16.17 -45.96
CA LYS B 269 -24.50 17.12 -45.49
C LYS B 269 -25.57 16.47 -44.60
N TYR B 270 -26.01 15.26 -44.96
CA TYR B 270 -26.97 14.51 -44.15
C TYR B 270 -26.40 14.07 -42.81
N VAL B 271 -25.16 13.60 -42.81
CA VAL B 271 -24.50 13.23 -41.54
C VAL B 271 -24.42 14.48 -40.66
N ARG B 272 -23.95 15.61 -41.24
CA ARG B 272 -23.90 16.90 -40.52
C ARG B 272 -25.30 17.24 -39.98
N ASP B 273 -26.30 17.28 -40.87
CA ASP B 273 -27.65 17.67 -40.44
C ASP B 273 -28.25 16.73 -39.38
N SER B 274 -27.93 15.45 -39.44
CA SER B 274 -28.46 14.51 -38.49
C SER B 274 -27.85 14.72 -37.07
N LYS B 275 -26.55 15.00 -37.00
CA LYS B 275 -25.90 15.26 -35.74
C LYS B 275 -26.42 16.59 -35.17
N ILE B 276 -26.67 17.60 -36.02
CA ILE B 276 -27.28 18.85 -35.54
C ILE B 276 -28.65 18.55 -34.96
N ARG B 277 -29.43 17.75 -35.67
N ARG B 277 -29.47 17.76 -35.65
CA ARG B 277 -30.78 17.39 -35.25
CA ARG B 277 -30.81 17.43 -35.15
C ARG B 277 -30.80 16.67 -33.90
C ARG B 277 -30.75 16.73 -33.82
N TYR B 278 -29.91 15.70 -33.74
CA TYR B 278 -29.77 14.93 -32.49
C TYR B 278 -29.06 15.66 -31.32
N ARG B 279 -28.39 16.78 -31.60
CA ARG B 279 -27.86 17.67 -30.57
C ARG B 279 -28.97 18.61 -30.02
N GLU B 280 -29.76 19.19 -30.92
CA GLU B 280 -30.99 19.95 -30.56
C GLU B 280 -31.95 19.12 -29.72
N ASN B 281 -32.02 17.83 -29.99
CA ASN B 281 -32.96 16.95 -29.34
C ASN B 281 -32.27 15.67 -28.84
N ILE B 282 -31.62 15.77 -27.70
CA ILE B 282 -30.86 14.64 -27.13
C ILE B 282 -31.74 13.45 -26.72
N ALA B 283 -32.94 13.73 -26.22
CA ALA B 283 -33.91 12.71 -25.90
C ALA B 283 -34.21 11.82 -27.10
N SER B 284 -34.34 12.41 -28.29
CA SER B 284 -34.58 11.63 -29.51
C SER B 284 -33.35 10.78 -29.92
N LEU B 285 -32.12 11.28 -29.65
CA LEU B 285 -30.91 10.48 -29.90
C LEU B 285 -30.86 9.23 -29.05
N MET B 286 -31.11 9.39 -27.75
CA MET B 286 -31.26 8.26 -26.81
C MET B 286 -32.41 7.29 -27.20
N ASP B 287 -33.55 7.82 -27.68
CA ASP B 287 -34.66 6.96 -28.11
C ASP B 287 -34.25 6.19 -29.32
N LYS B 288 -33.58 6.85 -30.26
CA LYS B 288 -33.15 6.21 -31.50
C LYS B 288 -32.11 5.11 -31.22
N CYS B 289 -31.09 5.44 -30.42
CA CYS B 289 -29.95 4.54 -30.24
C CYS B 289 -30.17 3.45 -29.18
N PHE B 290 -31.07 3.66 -28.23
CA PHE B 290 -31.36 2.68 -27.16
C PHE B 290 -32.86 2.35 -27.03
N PRO B 291 -33.40 1.53 -27.95
CA PRO B 291 -34.85 1.14 -27.87
C PRO B 291 -35.22 0.14 -26.72
N ALA B 292 -34.36 -0.84 -26.44
CA ALA B 292 -34.63 -1.95 -25.46
C ALA B 292 -35.02 -1.55 -24.00
N ALA B 293 -34.49 -0.43 -23.53
CA ALA B 293 -34.87 0.16 -22.24
C ALA B 293 -34.37 1.62 -22.17
N ASN B 294 -34.31 2.18 -20.97
CA ASN B 294 -33.69 3.50 -20.80
C ASN B 294 -32.26 3.48 -21.34
N ALA B 295 -31.86 4.55 -22.01
CA ALA B 295 -30.44 4.74 -22.30
C ALA B 295 -29.73 4.80 -20.96
N PRO B 296 -28.49 4.30 -20.88
CA PRO B 296 -27.70 4.57 -19.65
C PRO B 296 -27.76 6.07 -19.32
N GLY B 297 -28.14 6.42 -18.09
CA GLY B 297 -28.28 7.82 -17.66
C GLY B 297 -27.02 8.66 -17.88
N GLU B 298 -25.87 8.07 -17.62
CA GLU B 298 -24.59 8.77 -17.78
C GLU B 298 -24.28 9.18 -19.22
N ILE B 299 -24.82 8.46 -20.22
CA ILE B 299 -24.59 8.81 -21.61
C ILE B 299 -25.43 10.01 -21.98
N ALA B 300 -26.68 10.05 -21.56
CA ALA B 300 -27.51 11.23 -21.73
C ALA B 300 -26.86 12.47 -21.13
N LYS B 301 -26.44 12.37 -19.87
CA LYS B 301 -25.81 13.51 -19.16
C LYS B 301 -24.52 13.93 -19.81
N TYR B 302 -23.74 12.94 -20.27
CA TYR B 302 -22.53 13.23 -21.03
C TYR B 302 -22.86 14.08 -22.27
N MET B 303 -23.84 13.67 -23.06
CA MET B 303 -24.15 14.39 -24.30
C MET B 303 -24.73 15.76 -23.99
N GLU B 304 -25.52 15.88 -22.92
CA GLU B 304 -26.05 17.19 -22.48
C GLU B 304 -24.93 18.14 -22.14
N THR B 305 -23.91 17.63 -21.45
CA THR B 305 -22.79 18.46 -20.99
C THR B 305 -21.97 18.98 -22.15
N VAL B 306 -21.68 18.10 -23.09
CA VAL B 306 -21.01 18.47 -24.32
C VAL B 306 -21.85 19.51 -25.12
N LYS B 307 -23.16 19.33 -25.22
CA LYS B 307 -24.01 20.32 -25.87
C LYS B 307 -23.82 21.74 -25.25
N LEU B 308 -23.65 21.80 -23.92
CA LEU B 308 -23.50 23.05 -23.19
C LEU B 308 -22.17 23.76 -23.44
N LEU B 309 -21.17 23.09 -24.00
CA LEU B 309 -19.88 23.72 -24.26
C LEU B 309 -19.94 24.63 -25.47
N ASP B 310 -19.46 25.86 -25.31
CA ASP B 310 -19.16 26.73 -26.43
C ASP B 310 -17.81 26.37 -27.11
N TYR B 311 -17.61 26.92 -28.31
CA TYR B 311 -16.46 26.58 -29.13
C TYR B 311 -15.10 26.74 -28.44
N THR B 312 -14.92 27.85 -27.71
CA THR B 312 -13.65 28.17 -27.07
C THR B 312 -13.64 27.76 -25.58
N GLU B 313 -14.71 27.13 -25.11
CA GLU B 313 -14.89 26.91 -23.68
C GLU B 313 -14.01 25.75 -23.16
N LYS B 314 -13.37 25.96 -22.03
CA LYS B 314 -12.63 24.88 -21.35
C LYS B 314 -13.63 23.94 -20.70
N PRO B 315 -13.59 22.65 -21.06
CA PRO B 315 -14.42 21.69 -20.35
C PRO B 315 -14.13 21.58 -18.88
N LEU B 316 -15.15 21.27 -18.08
CA LEU B 316 -14.97 20.89 -16.69
C LEU B 316 -14.79 19.39 -16.67
N TYR B 317 -13.53 18.96 -16.81
CA TYR B 317 -13.22 17.55 -17.02
C TYR B 317 -13.56 16.68 -15.80
N GLU B 318 -13.40 17.22 -14.58
CA GLU B 318 -13.80 16.48 -13.38
C GLU B 318 -15.31 16.19 -13.34
N ASN B 319 -16.13 17.16 -13.78
CA ASN B 319 -17.60 16.97 -13.88
C ASN B 319 -17.93 15.82 -14.85
N LEU B 320 -17.20 15.72 -15.96
CA LEU B 320 -17.40 14.62 -16.93
C LEU B 320 -16.97 13.29 -16.39
N ARG B 321 -15.79 13.26 -15.73
CA ARG B 321 -15.32 12.07 -15.02
C ARG B 321 -16.38 11.58 -14.04
N ASP B 322 -16.89 12.51 -13.23
CA ASP B 322 -17.92 12.17 -12.23
C ASP B 322 -19.17 11.59 -12.89
N ILE B 323 -19.62 12.16 -14.00
CA ILE B 323 -20.76 11.60 -14.72
C ILE B 323 -20.51 10.13 -15.02
N LEU B 324 -19.32 9.81 -15.54
CA LEU B 324 -19.02 8.44 -15.92
C LEU B 324 -18.87 7.53 -14.72
N LEU B 325 -18.34 8.06 -13.62
CA LEU B 325 -18.21 7.29 -12.36
C LEU B 325 -19.56 6.91 -11.76
N GLN B 326 -20.54 7.80 -11.83
CA GLN B 326 -21.94 7.51 -11.43
C GLN B 326 -22.55 6.35 -12.27
N GLY B 327 -22.15 6.27 -13.54
CA GLY B 327 -22.41 5.11 -14.40
C GLY B 327 -21.90 3.79 -13.82
N LEU B 328 -20.65 3.77 -13.37
CA LEU B 328 -20.09 2.58 -12.76
C LEU B 328 -20.74 2.25 -11.42
N LYS B 329 -21.04 3.26 -10.61
CA LYS B 329 -21.81 3.01 -9.37
C LYS B 329 -23.19 2.43 -9.67
N ALA B 330 -23.85 2.92 -10.72
CA ALA B 330 -25.16 2.39 -11.17
C ALA B 330 -25.16 0.88 -11.48
N ILE B 331 -24.12 0.39 -12.16
CA ILE B 331 -23.99 -1.05 -12.47
C ILE B 331 -23.32 -1.91 -11.40
N GLY B 332 -23.03 -1.35 -10.23
CA GLY B 332 -22.46 -2.11 -9.13
C GLY B 332 -20.96 -2.34 -9.22
N SER B 333 -20.26 -1.44 -9.91
CA SER B 333 -18.82 -1.54 -10.09
C SER B 333 -18.14 -0.26 -9.59
N LYS B 334 -16.85 -0.11 -9.90
CA LYS B 334 -16.09 1.10 -9.58
C LYS B 334 -14.95 1.24 -10.60
N ASP B 335 -14.20 2.33 -10.52
CA ASP B 335 -13.08 2.49 -11.42
C ASP B 335 -11.87 1.73 -10.92
N ASP B 336 -11.85 0.44 -11.21
CA ASP B 336 -10.73 -0.41 -10.82
C ASP B 336 -9.71 -0.59 -11.94
N GLY B 337 -9.91 0.12 -13.04
CA GLY B 337 -8.98 0.06 -14.16
C GLY B 337 -9.05 -1.19 -15.01
N LYS B 338 -10.09 -2.00 -14.82
CA LYS B 338 -10.20 -3.22 -15.62
C LYS B 338 -11.09 -2.96 -16.81
N LEU B 339 -10.49 -3.06 -17.99
CA LEU B 339 -11.19 -2.84 -19.25
C LEU B 339 -12.26 -3.88 -19.59
N ASP B 340 -12.06 -5.10 -19.10
CA ASP B 340 -12.94 -6.26 -19.32
C ASP B 340 -13.07 -6.66 -20.76
N LEU B 341 -12.02 -6.46 -21.53
CA LEU B 341 -12.04 -6.83 -22.93
C LEU B 341 -11.95 -8.34 -23.08
N GLU C 21 -42.71 -40.05 15.56
CA GLU C 21 -43.49 -39.09 16.41
C GLU C 21 -43.93 -37.82 15.64
N GLN C 22 -43.01 -37.14 14.97
CA GLN C 22 -43.26 -35.77 14.49
C GLN C 22 -44.09 -35.65 13.22
N PHE C 23 -43.90 -36.57 12.29
CA PHE C 23 -44.57 -36.52 10.98
C PHE C 23 -45.04 -37.92 10.54
N ALA C 24 -46.23 -38.00 9.91
CA ALA C 24 -46.66 -39.25 9.28
C ALA C 24 -45.93 -39.42 7.93
N VAL C 25 -45.65 -40.66 7.52
CA VAL C 25 -45.16 -40.98 6.15
C VAL C 25 -46.27 -40.68 5.13
N GLY C 26 -46.06 -39.68 4.27
CA GLY C 26 -47.10 -39.14 3.37
C GLY C 26 -47.64 -37.75 3.74
N GLU C 27 -47.37 -37.26 4.94
CA GLU C 27 -47.85 -35.93 5.36
C GLU C 27 -47.19 -34.81 4.56
N ILE C 28 -47.99 -33.76 4.32
CA ILE C 28 -47.57 -32.57 3.59
C ILE C 28 -47.27 -31.43 4.54
N ILE C 29 -46.08 -30.85 4.41
CA ILE C 29 -45.66 -29.72 5.24
C ILE C 29 -45.39 -28.52 4.35
N THR C 30 -45.66 -27.33 4.86
CA THR C 30 -45.38 -26.10 4.14
C THR C 30 -44.35 -25.28 4.91
N ASP C 31 -43.29 -24.85 4.24
CA ASP C 31 -42.21 -24.10 4.90
C ASP C 31 -42.58 -22.60 4.98
N MET C 32 -41.71 -21.80 5.56
CA MET C 32 -42.02 -20.37 5.73
C MET C 32 -42.26 -19.66 4.41
N ALA C 33 -41.49 -20.02 3.40
CA ALA C 33 -41.58 -19.39 2.09
C ALA C 33 -42.76 -19.96 1.27
N ALA C 34 -43.69 -20.64 1.93
CA ALA C 34 -44.85 -21.26 1.33
C ALA C 34 -44.54 -22.41 0.33
N ALA C 35 -43.33 -22.95 0.33
CA ALA C 35 -43.00 -24.16 -0.48
C ALA C 35 -43.56 -25.42 0.18
N ALA C 36 -44.24 -26.26 -0.62
CA ALA C 36 -44.83 -27.51 -0.13
C ALA C 36 -43.88 -28.71 -0.28
N TRP C 37 -43.81 -29.53 0.77
CA TRP C 37 -43.01 -30.76 0.77
C TRP C 37 -43.84 -31.92 1.31
N LYS C 38 -43.47 -33.14 0.93
CA LYS C 38 -44.07 -34.33 1.48
C LYS C 38 -43.05 -35.14 2.27
N VAL C 39 -43.48 -35.74 3.37
CA VAL C 39 -42.62 -36.48 4.30
C VAL C 39 -42.61 -38.00 4.04
N GLY C 40 -41.41 -38.56 3.91
CA GLY C 40 -41.22 -40.00 3.73
C GLY C 40 -40.81 -40.72 5.01
N LEU C 41 -39.96 -41.74 4.86
CA LEU C 41 -39.57 -42.60 5.98
C LEU C 41 -38.54 -41.92 6.88
N PRO C 42 -38.62 -42.14 8.21
CA PRO C 42 -37.52 -41.72 9.09
C PRO C 42 -36.21 -42.41 8.75
N ILE C 43 -35.11 -41.67 8.82
CA ILE C 43 -33.74 -42.24 8.81
C ILE C 43 -32.96 -41.69 9.99
N GLY C 49 -30.56 -36.55 14.54
CA GLY C 49 -31.43 -37.36 15.41
C GLY C 49 -32.76 -37.68 14.74
N CYS C 50 -33.70 -36.73 14.79
CA CYS C 50 -35.04 -36.89 14.18
C CYS C 50 -35.04 -36.31 12.76
N ILE C 51 -34.85 -37.21 11.78
CA ILE C 51 -34.66 -36.89 10.36
C ILE C 51 -35.57 -37.81 9.53
N TYR C 52 -36.25 -37.23 8.53
CA TYR C 52 -37.10 -37.98 7.59
C TYR C 52 -36.67 -37.72 6.15
N LEU C 53 -36.83 -38.74 5.30
CA LEU C 53 -36.77 -38.53 3.88
C LEU C 53 -37.88 -37.55 3.51
N ALA C 54 -37.64 -36.76 2.46
CA ALA C 54 -38.64 -35.84 1.99
C ALA C 54 -38.45 -35.52 0.52
N ASP C 55 -39.55 -35.07 -0.10
CA ASP C 55 -39.53 -34.59 -1.48
C ASP C 55 -40.54 -33.45 -1.67
N MET C 56 -40.51 -32.82 -2.83
CA MET C 56 -41.54 -31.83 -3.18
C MET C 56 -42.93 -32.48 -3.07
N ASN C 57 -43.93 -31.71 -2.66
CA ASN C 57 -45.30 -32.20 -2.68
C ASN C 57 -45.72 -32.64 -4.09
N SER C 58 -46.37 -33.78 -4.16
CA SER C 58 -46.96 -34.33 -5.39
C SER C 58 -47.95 -35.40 -4.95
N SER C 59 -48.67 -36.00 -5.90
CA SER C 59 -49.59 -37.09 -5.57
C SER C 59 -48.90 -38.44 -5.25
N GLU C 60 -47.66 -38.62 -5.70
CA GLU C 60 -46.87 -39.83 -5.39
C GLU C 60 -46.25 -39.73 -4.01
N SER C 61 -46.15 -40.86 -3.32
CA SER C 61 -45.61 -40.89 -1.97
C SER C 61 -44.09 -40.81 -2.06
N VAL C 62 -43.46 -40.50 -0.94
CA VAL C 62 -42.02 -40.33 -0.91
C VAL C 62 -41.36 -41.69 -0.72
N GLY C 63 -40.40 -42.00 -1.59
CA GLY C 63 -39.78 -43.32 -1.61
C GLY C 63 -38.46 -43.38 -0.88
N SER C 64 -37.79 -44.51 -1.04
CA SER C 64 -36.45 -44.74 -0.53
C SER C 64 -35.41 -43.92 -1.30
N ASP C 65 -35.73 -43.53 -2.55
CA ASP C 65 -34.84 -42.62 -3.34
C ASP C 65 -35.12 -41.08 -3.23
N ALA C 66 -35.84 -40.64 -2.19
CA ALA C 66 -36.04 -39.19 -1.96
C ALA C 66 -34.73 -38.40 -2.06
N PRO C 67 -34.76 -37.21 -2.73
CA PRO C 67 -33.57 -36.38 -2.83
C PRO C 67 -33.34 -35.42 -1.65
N CYS C 68 -34.24 -35.36 -0.68
CA CYS C 68 -34.12 -34.46 0.44
C CYS C 68 -34.34 -35.17 1.77
N VAL C 69 -33.93 -34.52 2.83
CA VAL C 69 -34.29 -34.91 4.19
C VAL C 69 -34.92 -33.71 4.88
N VAL C 70 -35.69 -33.98 5.91
CA VAL C 70 -36.20 -32.94 6.79
C VAL C 70 -35.74 -33.22 8.21
N LYS C 71 -34.97 -32.28 8.79
CA LYS C 71 -34.54 -32.37 10.19
C LYS C 71 -35.52 -31.63 11.09
N VAL C 72 -35.91 -32.27 12.21
CA VAL C 72 -36.80 -31.68 13.21
C VAL C 72 -36.18 -31.73 14.61
N GLU C 73 -36.16 -30.59 15.29
CA GLU C 73 -35.68 -30.49 16.69
C GLU C 73 -36.57 -29.53 17.45
N PRO C 74 -36.56 -29.61 18.79
CA PRO C 74 -37.29 -28.58 19.52
C PRO C 74 -36.81 -27.17 19.16
N SER C 75 -37.70 -26.19 19.17
CA SER C 75 -37.32 -24.77 18.90
C SER C 75 -36.20 -24.24 19.80
N ASP C 76 -36.14 -24.75 21.03
CA ASP C 76 -35.07 -24.35 21.94
C ASP C 76 -33.72 -25.07 21.69
N ASN C 77 -33.62 -25.89 20.64
CA ASN C 77 -32.35 -26.55 20.30
C ASN C 77 -31.36 -25.56 19.69
N GLY C 78 -30.28 -25.30 20.42
CA GLY C 78 -29.25 -24.39 20.00
C GLY C 78 -28.57 -24.80 18.71
N PRO C 79 -28.15 -26.07 18.61
CA PRO C 79 -27.42 -26.47 17.42
C PRO C 79 -28.18 -26.33 16.09
N LEU C 80 -29.46 -26.71 16.07
CA LEU C 80 -30.23 -26.61 14.84
C LEU C 80 -30.39 -25.15 14.44
N PHE C 81 -30.56 -24.24 15.39
CA PHE C 81 -30.56 -22.81 15.04
C PHE C 81 -29.25 -22.37 14.38
N THR C 82 -28.12 -22.73 15.01
CA THR C 82 -26.79 -22.42 14.48
C THR C 82 -26.64 -22.98 13.07
N GLU C 83 -27.00 -24.25 12.86
CA GLU C 83 -26.90 -24.92 11.56
C GLU C 83 -27.80 -24.26 10.48
N LEU C 84 -29.06 -24.01 10.83
CA LEU C 84 -30.00 -23.32 9.99
C LEU C 84 -29.51 -21.95 9.55
N LYS C 85 -29.01 -21.12 10.46
CA LYS C 85 -28.39 -19.86 10.04
C LYS C 85 -27.24 -20.02 9.06
N PHE C 86 -26.36 -21.00 9.29
CA PHE C 86 -25.28 -21.25 8.32
C PHE C 86 -25.87 -21.57 6.93
N TYR C 87 -26.81 -22.51 6.91
CA TYR C 87 -27.46 -22.89 5.65
C TYR C 87 -28.19 -21.73 4.96
N GLN C 88 -28.89 -20.90 5.73
CA GLN C 88 -29.55 -19.71 5.18
C GLN C 88 -28.60 -18.69 4.58
N ARG C 89 -27.46 -18.51 5.24
CA ARG C 89 -26.48 -17.49 4.83
C ARG C 89 -25.58 -17.95 3.69
N ALA C 90 -25.23 -19.23 3.68
CA ALA C 90 -24.17 -19.74 2.81
C ALA C 90 -24.54 -20.90 1.90
N ALA C 91 -25.76 -21.46 2.03
CA ALA C 91 -26.12 -22.67 1.29
C ALA C 91 -27.36 -22.53 0.44
N LYS C 92 -27.66 -21.29 0.00
CA LYS C 92 -28.77 -21.04 -0.90
C LYS C 92 -28.41 -21.72 -2.23
N PRO C 93 -29.37 -22.43 -2.87
CA PRO C 93 -28.99 -23.18 -4.05
C PRO C 93 -28.31 -22.34 -5.14
N GLU C 94 -28.84 -21.15 -5.39
CA GLU C 94 -28.30 -20.28 -6.44
C GLU C 94 -26.91 -19.73 -6.13
N GLN C 95 -26.68 -19.48 -4.84
CA GLN C 95 -25.39 -18.98 -4.30
C GLN C 95 -24.31 -20.02 -4.56
N ILE C 96 -24.61 -21.28 -4.24
CA ILE C 96 -23.67 -22.39 -4.50
C ILE C 96 -23.40 -22.56 -6.00
N GLN C 97 -24.47 -22.53 -6.80
CA GLN C 97 -24.31 -22.67 -8.24
C GLN C 97 -23.43 -21.59 -8.84
N LYS C 98 -23.64 -20.36 -8.38
CA LYS C 98 -22.87 -19.24 -8.90
C LYS C 98 -21.39 -19.42 -8.56
N TRP C 99 -21.10 -19.94 -7.39
CA TRP C 99 -19.73 -20.21 -6.98
C TRP C 99 -19.09 -21.29 -7.85
N ILE C 100 -19.79 -22.41 -8.03
CA ILE C 100 -19.33 -23.52 -8.91
C ILE C 100 -18.93 -22.99 -10.30
N ARG C 101 -19.74 -22.08 -10.85
CA ARG C 101 -19.51 -21.56 -12.20
C ARG C 101 -18.33 -20.60 -12.19
N THR C 102 -18.26 -19.68 -11.23
CA THR C 102 -17.21 -18.65 -11.23
C THR C 102 -15.83 -19.18 -10.85
N ARG C 103 -15.77 -20.16 -9.95
CA ARG C 103 -14.50 -20.78 -9.55
CA ARG C 103 -14.51 -20.79 -9.54
C ARG C 103 -14.20 -22.04 -10.39
N LYS C 104 -14.85 -22.16 -11.57
CA LYS C 104 -14.76 -23.32 -12.47
C LYS C 104 -14.55 -24.64 -11.74
N LEU C 105 -15.53 -25.05 -10.94
CA LEU C 105 -15.55 -26.34 -10.21
C LEU C 105 -16.48 -27.33 -10.90
N LYS C 106 -16.33 -28.62 -10.63
CA LYS C 106 -17.30 -29.64 -11.11
C LYS C 106 -18.53 -29.67 -10.22
N TYR C 107 -18.32 -29.48 -8.92
CA TYR C 107 -19.38 -29.49 -7.94
C TYR C 107 -18.83 -28.78 -6.67
N LEU C 108 -19.68 -28.59 -5.68
CA LEU C 108 -19.23 -28.01 -4.39
C LEU C 108 -19.90 -28.80 -3.32
N GLY C 109 -19.10 -29.45 -2.46
CA GLY C 109 -19.61 -30.32 -1.40
C GLY C 109 -20.26 -29.66 -0.18
N VAL C 110 -20.97 -28.53 -0.39
CA VAL C 110 -21.80 -27.93 0.65
C VAL C 110 -23.25 -28.33 0.40
N PRO C 111 -23.93 -28.94 1.40
CA PRO C 111 -25.32 -29.33 1.14
C PRO C 111 -26.23 -28.13 0.84
N LYS C 112 -27.20 -28.30 -0.08
CA LYS C 112 -28.11 -27.19 -0.38
C LYS C 112 -29.20 -27.09 0.67
N TYR C 113 -29.53 -25.85 1.00
CA TYR C 113 -30.65 -25.52 1.88
C TYR C 113 -31.93 -25.27 1.06
N TRP C 114 -33.02 -25.95 1.43
CA TRP C 114 -34.28 -25.91 0.64
C TRP C 114 -35.47 -25.25 1.36
N GLY C 115 -35.41 -25.13 2.69
CA GLY C 115 -36.45 -24.40 3.43
C GLY C 115 -36.46 -24.72 4.93
N SER C 116 -37.30 -23.99 5.67
CA SER C 116 -37.52 -24.27 7.09
C SER C 116 -38.79 -23.64 7.55
N GLY C 117 -39.17 -24.04 8.75
CA GLY C 117 -40.29 -23.48 9.42
C GLY C 117 -40.37 -23.91 10.86
N LEU C 118 -41.52 -23.64 11.45
CA LEU C 118 -41.84 -23.95 12.83
C LEU C 118 -43.06 -24.85 12.75
N HIS C 119 -43.21 -25.75 13.71
CA HIS C 119 -44.27 -26.76 13.68
C HIS C 119 -44.66 -27.17 15.10
N ASP C 120 -45.95 -27.44 15.31
CA ASP C 120 -46.44 -27.89 16.61
C ASP C 120 -46.79 -29.36 16.65
N LYS C 121 -46.71 -29.93 17.85
CA LYS C 121 -46.98 -31.35 18.11
C LYS C 121 -47.00 -31.55 19.63
N ASN C 122 -48.12 -32.05 20.15
CA ASN C 122 -48.35 -32.19 21.60
C ASN C 122 -48.24 -30.87 22.36
N GLY C 123 -48.61 -29.76 21.70
CA GLY C 123 -48.45 -28.42 22.28
C GLY C 123 -47.01 -28.01 22.61
N LYS C 124 -46.02 -28.54 21.88
CA LYS C 124 -44.63 -28.08 21.97
C LYS C 124 -44.27 -27.47 20.61
N SER C 125 -43.25 -26.61 20.60
CA SER C 125 -42.81 -25.92 19.40
C SER C 125 -41.54 -26.58 18.83
N TYR C 126 -41.58 -26.91 17.56
CA TYR C 126 -40.45 -27.52 16.87
C TYR C 126 -40.01 -26.66 15.70
N ARG C 127 -38.75 -26.83 15.31
CA ARG C 127 -38.17 -26.13 14.16
C ARG C 127 -37.85 -27.22 13.17
N PHE C 128 -38.19 -27.03 11.89
CA PHE C 128 -37.81 -28.02 10.85
C PHE C 128 -36.99 -27.40 9.74
N MET C 129 -36.14 -28.21 9.13
CA MET C 129 -35.25 -27.75 8.07
C MET C 129 -35.11 -28.80 6.97
N ILE C 130 -35.23 -28.37 5.71
CA ILE C 130 -35.17 -29.27 4.54
C ILE C 130 -33.81 -29.07 3.90
N MET C 131 -33.08 -30.16 3.70
CA MET C 131 -31.76 -30.09 3.07
C MET C 131 -31.57 -31.28 2.11
N ASP C 132 -30.47 -31.28 1.38
CA ASP C 132 -30.12 -32.40 0.52
C ASP C 132 -30.06 -33.72 1.33
N ARG C 133 -30.52 -34.79 0.70
CA ARG C 133 -30.30 -36.15 1.20
C ARG C 133 -28.99 -36.66 0.62
N PHE C 134 -28.29 -37.49 1.38
CA PHE C 134 -27.04 -38.14 0.94
C PHE C 134 -27.02 -39.67 1.02
N GLY C 135 -25.97 -40.24 0.45
CA GLY C 135 -25.69 -41.66 0.59
C GLY C 135 -24.85 -41.92 1.83
N SER C 136 -23.91 -42.83 1.71
CA SER C 136 -23.16 -43.35 2.84
C SER C 136 -22.18 -42.30 3.36
N ASP C 137 -21.82 -42.44 4.63
CA ASP C 137 -20.77 -41.64 5.23
C ASP C 137 -19.42 -42.31 4.96
N LEU C 138 -18.34 -41.53 4.97
CA LEU C 138 -17.00 -42.07 4.70
C LEU C 138 -16.50 -43.02 5.76
N GLN C 139 -16.88 -42.79 7.02
CA GLN C 139 -16.44 -43.69 8.13
C GLN C 139 -16.82 -45.16 7.90
N LYS C 140 -18.05 -45.41 7.44
CA LYS C 140 -18.51 -46.77 7.10
C LYS C 140 -17.64 -47.39 6.00
N ILE C 141 -17.37 -46.63 4.95
CA ILE C 141 -16.58 -47.12 3.81
C ILE C 141 -15.11 -47.34 4.24
N TYR C 142 -14.63 -46.43 5.08
CA TYR C 142 -13.30 -46.54 5.68
C TYR C 142 -13.15 -47.84 6.44
N GLU C 143 -14.12 -48.13 7.31
CA GLU C 143 -14.06 -49.34 8.16
C GLU C 143 -14.23 -50.63 7.34
N ALA C 144 -15.09 -50.59 6.31
CA ALA C 144 -15.23 -51.70 5.37
C ALA C 144 -13.96 -51.92 4.55
N ASN C 145 -13.12 -50.90 4.41
CA ASN C 145 -11.85 -51.07 3.72
C ASN C 145 -10.66 -51.30 4.67
N ALA C 146 -10.95 -51.86 5.85
CA ALA C 146 -9.94 -52.16 6.90
C ALA C 146 -9.19 -50.92 7.43
N LYS C 147 -9.89 -49.80 7.53
CA LYS C 147 -9.36 -48.53 8.00
C LYS C 147 -8.14 -48.05 7.24
N ARG C 148 -8.22 -48.16 5.93
CA ARG C 148 -7.25 -47.53 5.02
C ARG C 148 -7.98 -46.89 3.83
N PHE C 149 -7.58 -45.70 3.44
CA PHE C 149 -7.82 -45.21 2.10
C PHE C 149 -6.47 -45.11 1.41
N SER C 150 -6.47 -45.37 0.11
CA SER C 150 -5.32 -45.20 -0.76
C SER C 150 -4.91 -43.74 -0.89
N ARG C 151 -3.66 -43.54 -1.32
CA ARG C 151 -3.13 -42.19 -1.60
C ARG C 151 -3.99 -41.43 -2.65
N LYS C 152 -4.40 -42.11 -3.70
CA LYS C 152 -5.26 -41.52 -4.71
C LYS C 152 -6.55 -41.03 -4.06
N THR C 153 -7.20 -41.90 -3.28
CA THR C 153 -8.44 -41.56 -2.63
C THR C 153 -8.32 -40.37 -1.67
N VAL C 154 -7.35 -40.44 -0.77
CA VAL C 154 -7.14 -39.36 0.21
C VAL C 154 -6.92 -38.00 -0.51
N LEU C 155 -6.07 -38.00 -1.54
CA LEU C 155 -5.78 -36.77 -2.26
C LEU C 155 -7.03 -36.21 -2.96
N GLN C 156 -7.81 -37.07 -3.60
CA GLN C 156 -9.01 -36.59 -4.28
C GLN C 156 -10.06 -36.06 -3.30
N LEU C 157 -10.18 -36.75 -2.15
CA LEU C 157 -11.08 -36.33 -1.10
C LEU C 157 -10.69 -34.95 -0.63
N SER C 158 -9.41 -34.80 -0.33
CA SER C 158 -8.89 -33.60 0.28
C SER C 158 -8.94 -32.37 -0.61
N LEU C 159 -8.61 -32.48 -1.88
CA LEU C 159 -8.78 -31.39 -2.86
C LEU C 159 -10.21 -30.82 -2.75
N ARG C 160 -11.19 -31.72 -2.72
CA ARG C 160 -12.59 -31.32 -2.64
C ARG C 160 -12.95 -30.74 -1.30
N ILE C 161 -12.40 -31.31 -0.22
CA ILE C 161 -12.60 -30.72 1.11
C ILE C 161 -11.99 -29.32 1.15
N LEU C 162 -10.87 -29.12 0.46
CA LEU C 162 -10.26 -27.78 0.39
C LEU C 162 -11.15 -26.78 -0.38
N ASP C 163 -11.79 -27.22 -1.46
CA ASP C 163 -12.84 -26.43 -2.13
C ASP C 163 -13.92 -26.02 -1.11
N ILE C 164 -14.36 -26.97 -0.29
CA ILE C 164 -15.47 -26.75 0.66
C ILE C 164 -15.03 -25.77 1.75
N LEU C 165 -13.83 -25.99 2.27
CA LEU C 165 -13.30 -25.11 3.34
C LEU C 165 -13.08 -23.69 2.81
N GLU C 166 -12.51 -23.55 1.62
CA GLU C 166 -12.35 -22.22 1.06
C GLU C 166 -13.71 -21.54 0.97
N TYR C 167 -14.72 -22.27 0.49
CA TYR C 167 -16.09 -21.71 0.40
C TYR C 167 -16.64 -21.21 1.76
N ILE C 168 -16.70 -22.08 2.78
CA ILE C 168 -17.35 -21.72 4.02
C ILE C 168 -16.55 -20.60 4.71
N HIS C 169 -15.22 -20.70 4.69
CA HIS C 169 -14.33 -19.63 5.19
C HIS C 169 -14.60 -18.27 4.55
N GLU C 170 -14.67 -18.23 3.24
CA GLU C 170 -15.07 -17.00 2.54
C GLU C 170 -16.46 -16.51 2.86
N HIS C 171 -17.33 -17.36 3.39
CA HIS C 171 -18.66 -16.95 3.84
C HIS C 171 -18.75 -16.85 5.37
N GLU C 172 -17.61 -16.57 5.99
CA GLU C 172 -17.49 -16.13 7.39
C GLU C 172 -17.54 -17.24 8.45
N TYR C 173 -17.52 -18.51 8.02
CA TYR C 173 -17.68 -19.66 8.91
C TYR C 173 -16.51 -20.61 8.89
N VAL C 174 -16.27 -21.27 10.01
CA VAL C 174 -15.38 -22.43 10.08
C VAL C 174 -16.21 -23.62 10.58
N HIS C 175 -15.79 -24.83 10.19
CA HIS C 175 -16.49 -26.04 10.58
C HIS C 175 -16.07 -26.60 11.97
N GLY C 176 -14.75 -26.74 12.18
CA GLY C 176 -14.21 -27.21 13.44
C GLY C 176 -14.29 -28.70 13.73
N ASP C 177 -14.82 -29.50 12.81
CA ASP C 177 -15.08 -30.89 13.12
C ASP C 177 -15.13 -31.77 11.88
N ILE C 178 -14.17 -31.54 10.99
CA ILE C 178 -13.98 -32.32 9.80
C ILE C 178 -13.54 -33.73 10.24
N LYS C 179 -14.24 -34.75 9.74
CA LYS C 179 -13.90 -36.15 9.89
C LYS C 179 -14.79 -36.98 8.95
N ALA C 180 -14.42 -38.24 8.80
CA ALA C 180 -15.09 -39.15 7.87
C ALA C 180 -16.57 -39.31 8.20
N SER C 181 -16.96 -39.36 9.47
CA SER C 181 -18.39 -39.48 9.81
C SER C 181 -19.23 -38.25 9.43
N ASN C 182 -18.59 -37.12 9.18
CA ASN C 182 -19.25 -35.91 8.68
C ASN C 182 -19.04 -35.68 7.18
N LEU C 183 -18.57 -36.69 6.46
CA LEU C 183 -18.38 -36.57 5.02
C LEU C 183 -19.27 -37.64 4.39
N LEU C 184 -20.28 -37.20 3.65
CA LEU C 184 -21.27 -38.09 3.04
C LEU C 184 -21.18 -38.05 1.50
N LEU C 185 -21.42 -39.19 0.85
CA LEU C 185 -21.44 -39.22 -0.63
C LEU C 185 -22.77 -38.71 -1.20
N ASN C 186 -22.68 -38.00 -2.32
CA ASN C 186 -23.84 -37.73 -3.18
C ASN C 186 -24.53 -39.09 -3.45
N TYR C 187 -25.81 -39.14 -3.10
CA TYR C 187 -26.65 -40.32 -3.22
C TYR C 187 -26.67 -40.92 -4.65
N LYS C 188 -26.70 -40.05 -5.68
CA LYS C 188 -26.63 -40.48 -7.07
C LYS C 188 -25.21 -40.38 -7.68
N ASN C 189 -24.19 -39.98 -6.95
CA ASN C 189 -22.82 -39.97 -7.50
C ASN C 189 -21.72 -40.28 -6.47
N PRO C 190 -21.18 -41.51 -6.48
CA PRO C 190 -20.16 -41.84 -5.48
C PRO C 190 -18.78 -41.14 -5.61
N ASP C 191 -18.62 -40.21 -6.55
CA ASP C 191 -17.38 -39.44 -6.67
C ASP C 191 -17.49 -38.02 -6.07
N GLN C 192 -18.62 -37.72 -5.47
CA GLN C 192 -18.86 -36.39 -4.88
C GLN C 192 -19.11 -36.49 -3.39
N VAL C 193 -18.22 -35.87 -2.65
CA VAL C 193 -18.27 -35.91 -1.21
C VAL C 193 -18.70 -34.53 -0.70
N TYR C 194 -19.49 -34.53 0.37
CA TYR C 194 -20.11 -33.34 0.93
C TYR C 194 -19.76 -33.27 2.41
N LEU C 195 -19.48 -32.08 2.93
CA LEU C 195 -19.24 -31.90 4.35
C LEU C 195 -20.53 -31.49 5.05
N VAL C 196 -20.92 -32.25 6.07
CA VAL C 196 -22.14 -31.98 6.83
C VAL C 196 -21.89 -31.68 8.31
N ASP C 197 -22.96 -31.27 8.97
CA ASP C 197 -23.01 -30.93 10.38
C ASP C 197 -22.42 -29.55 10.72
N TYR C 198 -23.29 -28.55 10.80
CA TYR C 198 -22.89 -27.20 11.10
C TYR C 198 -23.56 -26.74 12.39
N GLY C 199 -24.03 -27.71 13.20
CA GLY C 199 -24.67 -27.41 14.47
C GLY C 199 -23.77 -26.71 15.47
N LEU C 200 -22.46 -26.96 15.35
CA LEU C 200 -21.45 -26.27 16.17
C LEU C 200 -20.43 -25.57 15.30
N ALA C 201 -20.82 -25.18 14.09
CA ALA C 201 -19.95 -24.36 13.25
C ALA C 201 -19.83 -22.98 13.90
N TYR C 202 -18.83 -22.24 13.48
CA TYR C 202 -18.51 -21.00 14.15
C TYR C 202 -18.30 -19.89 13.14
N ARG C 203 -18.97 -18.78 13.36
CA ARG C 203 -18.83 -17.59 12.55
C ARG C 203 -17.61 -16.76 13.00
N TYR C 204 -16.43 -17.13 12.51
CA TYR C 204 -15.15 -16.53 12.89
C TYR C 204 -14.95 -15.09 12.37
N CYS C 205 -15.74 -14.68 11.37
CA CYS C 205 -15.54 -13.42 10.71
C CYS C 205 -16.86 -12.67 10.38
N PRO C 206 -17.75 -12.48 11.38
CA PRO C 206 -19.02 -11.74 11.10
C PRO C 206 -18.78 -10.33 10.52
N GLU C 207 -19.36 -10.07 9.34
CA GLU C 207 -19.19 -8.79 8.61
C GLU C 207 -17.75 -8.39 8.35
N GLY C 208 -16.90 -9.38 8.08
CA GLY C 208 -15.48 -9.17 7.82
C GLY C 208 -14.57 -8.81 8.98
N VAL C 209 -15.08 -8.92 10.19
CA VAL C 209 -14.30 -8.63 11.37
C VAL C 209 -13.92 -9.93 12.05
N HIS C 210 -12.64 -10.28 11.99
CA HIS C 210 -12.14 -11.52 12.57
C HIS C 210 -12.18 -11.52 14.09
N LYS C 211 -12.60 -12.64 14.67
CA LYS C 211 -12.64 -12.79 16.11
C LYS C 211 -11.22 -12.78 16.68
N ALA C 212 -11.08 -12.25 17.88
CA ALA C 212 -9.79 -12.16 18.54
C ALA C 212 -9.29 -13.52 19.02
N TYR C 213 -7.99 -13.62 19.27
CA TYR C 213 -7.40 -14.88 19.72
C TYR C 213 -7.67 -15.04 21.21
N ALA C 214 -8.86 -15.55 21.49
CA ALA C 214 -9.38 -15.77 22.83
C ALA C 214 -10.55 -16.74 22.78
N ALA C 215 -10.95 -17.24 23.93
CA ALA C 215 -12.09 -18.14 24.01
C ALA C 215 -13.40 -17.38 23.78
N ASP C 216 -14.41 -18.07 23.28
CA ASP C 216 -15.71 -17.46 23.08
C ASP C 216 -16.63 -18.08 24.11
N PRO C 217 -17.22 -17.26 24.96
CA PRO C 217 -18.10 -17.72 26.03
C PRO C 217 -19.31 -18.45 25.46
N LYS C 218 -19.83 -17.95 24.35
CA LYS C 218 -20.95 -18.59 23.66
C LYS C 218 -20.59 -19.92 22.93
N ARG C 219 -19.37 -20.45 23.09
CA ARG C 219 -18.95 -21.76 22.54
C ARG C 219 -18.38 -22.75 23.61
N CYS C 220 -19.08 -23.88 23.79
CA CYS C 220 -18.63 -24.97 24.67
C CYS C 220 -17.81 -26.03 23.90
N HIS C 221 -18.07 -26.21 22.61
CA HIS C 221 -17.51 -27.37 21.86
C HIS C 221 -16.06 -27.17 21.42
N ASP C 222 -15.32 -28.29 21.38
CA ASP C 222 -13.91 -28.33 21.07
C ASP C 222 -13.56 -29.31 19.93
N GLY C 223 -14.56 -29.65 19.09
CA GLY C 223 -14.43 -30.63 18.02
C GLY C 223 -14.23 -32.04 18.56
N THR C 224 -13.60 -32.89 17.77
CA THR C 224 -13.43 -34.28 18.08
C THR C 224 -11.95 -34.44 18.45
N ILE C 225 -11.69 -34.92 19.66
CA ILE C 225 -10.37 -34.79 20.29
C ILE C 225 -9.17 -35.26 19.48
N GLU C 226 -9.26 -36.43 18.85
CA GLU C 226 -8.13 -36.92 18.07
C GLU C 226 -7.79 -36.08 16.83
N PHE C 227 -8.75 -35.32 16.28
CA PHE C 227 -8.54 -34.52 15.07
C PHE C 227 -8.50 -33.02 15.32
N THR C 228 -8.88 -32.56 16.52
CA THR C 228 -9.08 -31.16 16.73
C THR C 228 -7.77 -30.39 16.67
N SER C 229 -7.90 -29.09 16.45
CA SER C 229 -6.77 -28.18 16.33
C SER C 229 -6.08 -27.82 17.68
N ILE C 230 -4.80 -27.46 17.60
CA ILE C 230 -4.05 -26.94 18.72
C ILE C 230 -4.77 -25.70 19.29
N ASP C 231 -5.26 -24.83 18.40
CA ASP C 231 -6.09 -23.67 18.85
C ASP C 231 -7.22 -24.10 19.75
N ALA C 232 -8.00 -25.09 19.32
CA ALA C 232 -9.10 -25.60 20.15
C ALA C 232 -8.60 -26.18 21.47
N HIS C 233 -7.48 -26.92 21.42
CA HIS C 233 -6.91 -27.50 22.63
C HIS C 233 -6.51 -26.40 23.62
N ASN C 234 -6.08 -25.25 23.12
CA ASN C 234 -5.76 -24.10 23.95
C ASN C 234 -6.95 -23.29 24.46
N GLY C 235 -8.17 -23.75 24.19
CA GLY C 235 -9.37 -23.07 24.63
C GLY C 235 -9.69 -21.78 23.87
N VAL C 236 -9.21 -21.61 22.65
CA VAL C 236 -9.65 -20.45 21.87
C VAL C 236 -10.57 -20.87 20.76
N ALA C 237 -11.28 -19.87 20.25
CA ALA C 237 -12.28 -20.08 19.22
C ALA C 237 -11.55 -20.54 17.94
N PRO C 238 -12.17 -21.47 17.20
CA PRO C 238 -11.57 -22.02 16.00
C PRO C 238 -11.45 -20.95 14.92
N SER C 239 -10.38 -21.02 14.13
CA SER C 239 -10.22 -20.15 12.96
C SER C 239 -9.91 -21.03 11.75
N ARG C 240 -9.55 -20.40 10.64
CA ARG C 240 -9.28 -21.06 9.38
C ARG C 240 -8.12 -22.05 9.42
N ARG C 241 -6.97 -21.64 9.99
CA ARG C 241 -5.84 -22.56 10.12
C ARG C 241 -6.21 -23.86 10.87
N GLY C 242 -7.11 -23.72 11.84
CA GLY C 242 -7.63 -24.86 12.58
C GLY C 242 -8.30 -25.92 11.72
N ASP C 243 -9.13 -25.46 10.78
CA ASP C 243 -9.83 -26.37 9.87
C ASP C 243 -8.84 -27.10 9.02
N LEU C 244 -7.81 -26.39 8.55
CA LEU C 244 -6.80 -27.01 7.69
C LEU C 244 -5.95 -28.05 8.44
N GLU C 245 -5.62 -27.73 9.70
CA GLU C 245 -4.90 -28.63 10.57
C GLU C 245 -5.72 -29.91 10.87
N ILE C 246 -7.02 -29.76 11.12
CA ILE C 246 -7.91 -30.91 11.29
C ILE C 246 -7.90 -31.82 10.05
N LEU C 247 -8.00 -31.25 8.86
CA LEU C 247 -7.89 -32.02 7.63
C LEU C 247 -6.53 -32.77 7.56
N GLY C 248 -5.45 -32.13 8.00
CA GLY C 248 -4.13 -32.76 8.03
C GLY C 248 -4.12 -34.09 8.82
N TYR C 249 -4.71 -34.07 10.01
CA TYR C 249 -4.77 -35.25 10.87
C TYR C 249 -5.69 -36.28 10.23
N CYS C 250 -6.78 -35.81 9.61
CA CYS C 250 -7.66 -36.74 8.86
C CYS C 250 -6.90 -37.49 7.75
N MET C 251 -6.07 -36.80 7.00
CA MET C 251 -5.35 -37.41 5.88
C MET C 251 -4.40 -38.50 6.40
N ILE C 252 -3.77 -38.23 7.54
CA ILE C 252 -2.88 -39.21 8.15
C ILE C 252 -3.67 -40.41 8.67
N GLN C 253 -4.69 -40.17 9.49
CA GLN C 253 -5.60 -41.24 9.91
C GLN C 253 -6.04 -42.11 8.74
N TRP C 254 -6.45 -41.49 7.63
CA TRP C 254 -7.01 -42.26 6.53
C TRP C 254 -5.94 -43.09 5.84
N LEU C 255 -4.76 -42.50 5.70
CA LEU C 255 -3.66 -43.16 4.98
C LEU C 255 -3.12 -44.36 5.74
N THR C 256 -3.05 -44.27 7.06
CA THR C 256 -2.33 -45.23 7.89
C THR C 256 -3.19 -46.01 8.88
N GLY C 257 -4.44 -45.60 9.10
CA GLY C 257 -5.26 -46.22 10.13
C GLY C 257 -5.08 -45.73 11.55
N HIS C 258 -4.13 -44.81 11.78
CA HIS C 258 -3.71 -44.45 13.13
C HIS C 258 -3.30 -42.96 13.24
N LEU C 259 -3.35 -42.46 14.47
CA LEU C 259 -2.70 -41.22 14.88
C LEU C 259 -1.89 -41.50 16.15
N PRO C 260 -0.71 -40.85 16.32
CA PRO C 260 0.21 -41.19 17.45
C PRO C 260 -0.40 -41.10 18.87
N TRP C 261 -1.34 -40.18 19.04
CA TRP C 261 -1.99 -39.88 20.31
C TRP C 261 -3.26 -40.70 20.55
N GLU C 262 -3.58 -41.65 19.66
CA GLU C 262 -4.86 -42.37 19.75
C GLU C 262 -4.96 -43.25 21.00
N ASP C 263 -3.81 -43.63 21.55
CA ASP C 263 -3.73 -44.41 22.81
C ASP C 263 -4.17 -43.69 24.09
N ASN C 264 -4.16 -42.37 24.16
CA ASN C 264 -4.59 -41.70 25.42
C ASN C 264 -5.46 -40.45 25.16
N LEU C 265 -6.57 -40.72 24.46
CA LEU C 265 -7.54 -39.71 24.11
C LEU C 265 -8.33 -39.22 25.30
N LYS C 266 -8.38 -39.98 26.38
CA LYS C 266 -8.94 -39.51 27.65
C LYS C 266 -8.03 -38.51 28.41
N ASP C 267 -6.80 -38.26 27.92
CA ASP C 267 -5.84 -37.32 28.51
C ASP C 267 -5.58 -36.12 27.59
N PRO C 268 -6.47 -35.10 27.59
CA PRO C 268 -6.36 -34.06 26.57
C PRO C 268 -5.06 -33.22 26.62
N LYS C 269 -4.46 -33.05 27.77
CA LYS C 269 -3.15 -32.40 27.81
C LYS C 269 -2.05 -33.22 27.08
N TYR C 270 -2.13 -34.55 27.10
CA TYR C 270 -1.19 -35.40 26.34
C TYR C 270 -1.49 -35.27 24.85
N VAL C 271 -2.76 -35.21 24.47
CA VAL C 271 -3.09 -35.07 23.05
C VAL C 271 -2.54 -33.73 22.53
N ARG C 272 -2.78 -32.66 23.27
CA ARG C 272 -2.28 -31.36 22.87
C ARG C 272 -0.76 -31.34 22.84
N ASP C 273 -0.13 -31.88 23.88
CA ASP C 273 1.32 -31.95 23.92
C ASP C 273 1.92 -32.65 22.67
N SER C 274 1.41 -33.82 22.27
CA SER C 274 1.91 -34.52 21.09
C SER C 274 1.74 -33.69 19.81
N LYS C 275 0.55 -33.13 19.66
CA LYS C 275 0.24 -32.28 18.50
C LYS C 275 1.19 -31.12 18.43
N ILE C 276 1.42 -30.44 19.55
CA ILE C 276 2.38 -29.34 19.57
C ILE C 276 3.79 -29.84 19.15
N ARG C 277 4.28 -30.90 19.80
N ARG C 277 4.28 -30.89 19.78
CA ARG C 277 5.59 -31.46 19.48
CA ARG C 277 5.61 -31.41 19.49
C ARG C 277 5.73 -31.79 17.99
C ARG C 277 5.76 -31.85 18.02
N TYR C 278 4.74 -32.49 17.46
CA TYR C 278 4.78 -32.97 16.07
C TYR C 278 4.57 -31.83 15.02
N ARG C 279 3.99 -30.72 15.42
CA ARG C 279 4.00 -29.51 14.59
C ARG C 279 5.39 -28.84 14.57
N GLU C 280 6.03 -28.77 15.73
CA GLU C 280 7.38 -28.21 15.81
C GLU C 280 8.41 -29.02 15.03
N ASN C 281 8.18 -30.33 14.88
CA ASN C 281 9.07 -31.28 14.20
C ASN C 281 8.18 -32.20 13.33
N ILE C 282 7.84 -31.72 12.14
CA ILE C 282 6.94 -32.46 11.22
C ILE C 282 7.62 -33.70 10.61
N ALA C 283 8.93 -33.64 10.36
CA ALA C 283 9.69 -34.87 9.96
C ALA C 283 9.50 -36.03 10.94
N SER C 284 9.48 -35.73 12.24
CA SER C 284 9.26 -36.75 13.25
C SER C 284 7.83 -37.28 13.19
N LEU C 285 6.86 -36.44 12.86
CA LEU C 285 5.51 -36.97 12.66
C LEU C 285 5.43 -37.96 11.48
N MET C 286 6.04 -37.60 10.37
CA MET C 286 6.06 -38.48 9.19
C MET C 286 6.75 -39.82 9.49
N ASP C 287 7.83 -39.77 10.25
CA ASP C 287 8.56 -40.96 10.64
C ASP C 287 7.70 -41.86 11.53
N LYS C 288 6.98 -41.25 12.49
CA LYS C 288 6.14 -42.00 13.42
C LYS C 288 4.94 -42.65 12.75
N CYS C 289 4.31 -41.93 11.82
CA CYS C 289 3.04 -42.37 11.22
C CYS C 289 3.19 -43.32 10.06
N PHE C 290 4.30 -43.21 9.33
CA PHE C 290 4.52 -43.98 8.12
C PHE C 290 5.74 -44.90 8.23
N PRO C 291 5.61 -46.16 7.74
CA PRO C 291 6.82 -46.97 7.59
C PRO C 291 7.82 -46.29 6.65
N ALA C 292 9.08 -46.63 6.82
CA ALA C 292 10.18 -46.08 6.01
C ALA C 292 9.90 -46.18 4.51
N ALA C 293 10.06 -45.03 3.85
CA ALA C 293 9.84 -44.87 2.40
C ALA C 293 8.36 -44.69 1.99
N ASN C 294 7.43 -44.72 2.95
CA ASN C 294 6.03 -44.61 2.63
C ASN C 294 5.49 -43.20 2.86
N ALA C 295 6.22 -42.30 3.54
CA ALA C 295 5.70 -40.96 3.83
C ALA C 295 5.49 -40.10 2.56
N PRO C 296 4.23 -39.84 2.20
CA PRO C 296 3.98 -38.93 1.04
C PRO C 296 4.45 -37.49 1.30
N GLY C 297 5.31 -36.97 0.43
CA GLY C 297 5.95 -35.66 0.59
C GLY C 297 4.93 -34.51 0.64
N GLU C 298 3.84 -34.65 -0.11
CA GLU C 298 2.74 -33.68 -0.08
C GLU C 298 2.10 -33.48 1.30
N ILE C 299 1.96 -34.53 2.10
CA ILE C 299 1.37 -34.41 3.44
C ILE C 299 2.28 -33.53 4.35
N ALA C 300 3.58 -33.81 4.36
CA ALA C 300 4.54 -32.97 5.13
C ALA C 300 4.51 -31.49 4.69
N LYS C 301 4.55 -31.27 3.38
CA LYS C 301 4.51 -29.90 2.85
C LYS C 301 3.19 -29.16 3.19
N TYR C 302 2.08 -29.88 3.10
CA TYR C 302 0.78 -29.36 3.48
C TYR C 302 0.89 -28.85 4.94
N MET C 303 1.41 -29.71 5.82
CA MET C 303 1.50 -29.35 7.24
C MET C 303 2.51 -28.25 7.52
N GLU C 304 3.60 -28.20 6.75
CA GLU C 304 4.53 -27.09 6.84
C GLU C 304 3.84 -25.76 6.48
N THR C 305 2.98 -25.78 5.45
CA THR C 305 2.29 -24.58 5.00
C THR C 305 1.27 -24.11 6.05
N VAL C 306 0.50 -25.04 6.57
CA VAL C 306 -0.50 -24.73 7.59
C VAL C 306 0.19 -24.16 8.86
N LYS C 307 1.30 -24.79 9.24
CA LYS C 307 2.14 -24.31 10.33
C LYS C 307 2.58 -22.86 10.22
N LEU C 308 2.80 -22.37 9.01
CA LEU C 308 3.15 -20.95 8.80
C LEU C 308 1.99 -19.97 8.87
N LEU C 309 0.77 -20.43 9.13
CA LEU C 309 -0.38 -19.54 9.18
C LEU C 309 -0.57 -18.96 10.58
N ASP C 310 -0.69 -17.64 10.63
CA ASP C 310 -1.22 -16.99 11.81
C ASP C 310 -2.74 -17.25 12.04
N TYR C 311 -3.16 -16.99 13.26
CA TYR C 311 -4.52 -17.23 13.73
C TYR C 311 -5.62 -16.58 12.85
N THR C 312 -5.35 -15.34 12.42
CA THR C 312 -6.28 -14.59 11.57
C THR C 312 -5.91 -14.55 10.09
N GLU C 313 -4.91 -15.31 9.66
CA GLU C 313 -4.42 -15.17 8.30
C GLU C 313 -5.32 -15.96 7.34
N LYS C 314 -5.56 -15.36 6.17
CA LYS C 314 -6.23 -16.04 5.06
C LYS C 314 -5.28 -17.10 4.49
N PRO C 315 -5.68 -18.39 4.47
CA PRO C 315 -4.87 -19.41 3.79
C PRO C 315 -4.80 -19.15 2.28
N LEU C 316 -3.72 -19.62 1.65
CA LEU C 316 -3.62 -19.65 0.20
C LEU C 316 -4.11 -21.01 -0.31
N TYR C 317 -5.42 -21.11 -0.52
CA TYR C 317 -6.09 -22.39 -0.78
C TYR C 317 -5.60 -23.08 -2.09
N GLU C 318 -5.34 -22.28 -3.13
CA GLU C 318 -4.88 -22.81 -4.41
C GLU C 318 -3.46 -23.40 -4.29
N ASN C 319 -2.59 -22.78 -3.49
CA ASN C 319 -1.28 -23.39 -3.18
C ASN C 319 -1.40 -24.71 -2.38
N LEU C 320 -2.30 -24.78 -1.39
CA LEU C 320 -2.54 -26.06 -0.70
C LEU C 320 -3.02 -27.14 -1.69
N ARG C 321 -3.94 -26.78 -2.59
CA ARG C 321 -4.40 -27.72 -3.60
C ARG C 321 -3.24 -28.16 -4.54
N ASP C 322 -2.41 -27.23 -4.98
CA ASP C 322 -1.24 -27.53 -5.82
C ASP C 322 -0.26 -28.45 -5.11
N ILE C 323 -0.09 -28.27 -3.80
CA ILE C 323 0.74 -29.18 -3.03
C ILE C 323 0.23 -30.61 -3.17
N LEU C 324 -1.08 -30.80 -3.00
CA LEU C 324 -1.69 -32.11 -3.12
C LEU C 324 -1.65 -32.65 -4.55
N LEU C 325 -1.74 -31.76 -5.55
CA LEU C 325 -1.61 -32.15 -6.95
C LEU C 325 -0.24 -32.83 -7.25
N GLN C 326 0.80 -32.47 -6.50
CA GLN C 326 2.11 -33.10 -6.68
C GLN C 326 2.11 -34.57 -6.24
N GLY C 327 1.28 -34.91 -5.25
CA GLY C 327 1.12 -36.32 -4.84
C GLY C 327 0.48 -37.19 -5.91
N LEU C 328 -0.48 -36.60 -6.62
CA LEU C 328 -1.14 -37.27 -7.73
C LEU C 328 -0.18 -37.47 -8.90
N LYS C 329 0.63 -36.46 -9.22
CA LYS C 329 1.68 -36.60 -10.26
C LYS C 329 2.72 -37.62 -9.81
N ALA C 330 3.07 -37.65 -8.52
CA ALA C 330 4.00 -38.68 -7.99
C ALA C 330 3.53 -40.14 -8.23
N ILE C 331 2.22 -40.39 -8.09
CA ILE C 331 1.62 -41.72 -8.34
C ILE C 331 1.10 -41.94 -9.78
N GLY C 332 1.43 -41.04 -10.70
CA GLY C 332 1.12 -41.21 -12.12
C GLY C 332 -0.32 -40.90 -12.49
N SER C 333 -0.95 -40.04 -11.70
CA SER C 333 -2.37 -39.75 -11.85
C SER C 333 -2.54 -38.25 -12.07
N LYS C 334 -3.79 -37.83 -12.15
CA LYS C 334 -4.19 -36.43 -12.32
C LYS C 334 -5.39 -36.20 -11.42
N ASP C 335 -5.71 -34.94 -11.17
CA ASP C 335 -7.02 -34.61 -10.58
C ASP C 335 -8.11 -34.94 -11.61
N ASP C 336 -8.60 -36.16 -11.58
CA ASP C 336 -9.65 -36.57 -12.49
C ASP C 336 -11.00 -36.72 -11.80
N GLY C 337 -11.07 -36.35 -10.53
CA GLY C 337 -12.29 -36.41 -9.76
C GLY C 337 -12.77 -37.77 -9.34
N LYS C 338 -11.93 -38.78 -9.52
CA LYS C 338 -12.28 -40.12 -9.13
C LYS C 338 -11.84 -40.43 -7.72
N LEU C 339 -12.79 -40.69 -6.85
CA LEU C 339 -12.53 -41.02 -5.46
C LEU C 339 -11.91 -42.39 -5.24
N ASP C 340 -12.12 -43.30 -6.19
CA ASP C 340 -11.63 -44.67 -6.13
C ASP C 340 -12.09 -45.39 -4.88
N LEU C 341 -13.35 -45.23 -4.52
CA LEU C 341 -13.90 -45.88 -3.35
C LEU C 341 -14.53 -47.24 -3.65
N PHE D 23 45.56 -5.44 -6.17
CA PHE D 23 44.81 -5.44 -7.48
C PHE D 23 44.76 -4.04 -8.06
N ALA D 24 45.09 -3.91 -9.34
CA ALA D 24 45.02 -2.63 -10.05
C ALA D 24 43.57 -2.21 -10.26
N VAL D 25 43.35 -0.91 -10.35
CA VAL D 25 42.05 -0.37 -10.75
C VAL D 25 41.85 -0.69 -12.23
N GLY D 26 40.64 -1.07 -12.61
CA GLY D 26 40.32 -1.54 -13.97
C GLY D 26 40.77 -2.95 -14.33
N GLU D 27 41.30 -3.70 -13.35
CA GLU D 27 41.77 -5.06 -13.58
C GLU D 27 40.61 -6.00 -13.88
N ILE D 28 40.85 -6.96 -14.76
CA ILE D 28 39.82 -7.82 -15.30
C ILE D 28 39.97 -9.22 -14.71
N ILE D 29 38.89 -9.72 -14.11
CA ILE D 29 38.89 -11.03 -13.48
C ILE D 29 37.72 -11.87 -14.01
N THR D 30 37.87 -13.18 -13.88
CA THR D 30 37.01 -14.16 -14.53
C THR D 30 36.54 -15.18 -13.47
N ASP D 31 35.25 -15.46 -13.48
CA ASP D 31 34.67 -16.33 -12.48
C ASP D 31 34.38 -17.75 -13.01
N MET D 32 33.87 -18.62 -12.13
CA MET D 32 33.48 -19.99 -12.51
C MET D 32 32.38 -20.16 -13.57
N ALA D 33 31.57 -19.14 -13.80
CA ALA D 33 30.64 -19.14 -14.95
C ALA D 33 31.29 -18.57 -16.19
N ALA D 34 32.58 -18.21 -16.12
CA ALA D 34 33.30 -17.51 -17.20
C ALA D 34 32.77 -16.08 -17.50
N ALA D 35 32.07 -15.46 -16.55
CA ALA D 35 31.70 -14.03 -16.62
C ALA D 35 32.91 -13.20 -16.20
N ALA D 36 33.11 -12.07 -16.89
CA ALA D 36 34.22 -11.16 -16.64
C ALA D 36 33.74 -10.00 -15.78
N TRP D 37 34.55 -9.64 -14.77
CA TRP D 37 34.24 -8.56 -13.82
C TRP D 37 35.38 -7.56 -13.87
N LYS D 38 35.07 -6.29 -13.61
CA LYS D 38 36.09 -5.25 -13.53
C LYS D 38 36.23 -4.78 -12.08
N VAL D 39 37.45 -4.45 -11.67
CA VAL D 39 37.74 -3.99 -10.30
C VAL D 39 37.81 -2.47 -10.29
N GLY D 40 37.19 -1.87 -9.28
CA GLY D 40 37.22 -0.42 -9.08
C GLY D 40 38.14 -0.08 -7.92
N LEU D 41 37.80 0.99 -7.21
CA LEU D 41 38.60 1.44 -6.07
C LEU D 41 38.40 0.53 -4.86
N PRO D 42 39.43 0.42 -4.02
CA PRO D 42 39.26 -0.29 -2.77
C PRO D 42 38.42 0.55 -1.80
N ILE D 43 37.77 -0.11 -0.83
CA ILE D 43 36.95 0.59 0.16
C ILE D 43 37.42 0.37 1.61
N GLY D 44 37.83 -0.86 1.95
CA GLY D 44 38.48 -1.11 3.26
C GLY D 44 38.57 -2.56 3.69
N GLN D 45 38.45 -2.80 5.01
CA GLN D 45 38.49 -4.14 5.61
C GLN D 45 39.73 -4.95 5.21
N CYS D 50 41.21 -8.04 1.45
CA CYS D 50 40.78 -6.72 1.00
C CYS D 50 39.49 -6.77 0.17
N ILE D 51 38.77 -5.65 0.14
CA ILE D 51 37.46 -5.53 -0.56
C ILE D 51 37.50 -4.31 -1.49
N TYR D 52 37.06 -4.49 -2.75
CA TYR D 52 36.99 -3.38 -3.73
C TYR D 52 35.61 -3.27 -4.35
N LEU D 53 35.28 -2.08 -4.83
CA LEU D 53 34.12 -1.89 -5.70
C LEU D 53 34.32 -2.70 -7.00
N ALA D 54 33.22 -3.18 -7.57
CA ALA D 54 33.29 -3.99 -8.79
C ALA D 54 32.02 -3.90 -9.59
N ASP D 55 32.11 -4.26 -10.86
CA ASP D 55 30.97 -4.31 -11.77
C ASP D 55 31.23 -5.31 -12.90
N MET D 56 30.15 -5.72 -13.56
CA MET D 56 30.23 -6.51 -14.79
C MET D 56 31.11 -5.74 -15.78
N ASN D 57 32.09 -6.42 -16.39
CA ASN D 57 33.05 -5.75 -17.28
C ASN D 57 32.38 -5.09 -18.49
N SER D 58 32.94 -3.96 -18.89
CA SER D 58 32.45 -3.17 -20.05
C SER D 58 33.53 -2.14 -20.43
N SER D 59 33.27 -1.33 -21.46
CA SER D 59 34.17 -0.21 -21.82
C SER D 59 34.30 0.87 -20.73
N GLU D 60 33.27 1.05 -19.90
CA GLU D 60 33.25 2.10 -18.85
C GLU D 60 33.98 1.68 -17.57
N SER D 61 34.65 2.65 -16.92
CA SER D 61 35.31 2.45 -15.63
C SER D 61 34.30 2.07 -14.55
N VAL D 62 34.74 1.38 -13.52
CA VAL D 62 33.83 1.05 -12.41
C VAL D 62 33.64 2.31 -11.57
N GLY D 63 32.38 2.70 -11.38
CA GLY D 63 32.06 3.94 -10.65
C GLY D 63 32.03 3.73 -9.14
N SER D 64 31.95 4.84 -8.40
CA SER D 64 31.76 4.80 -6.96
C SER D 64 30.32 4.38 -6.57
N ASP D 65 29.39 4.35 -7.53
CA ASP D 65 28.04 3.80 -7.30
C ASP D 65 27.88 2.36 -7.84
N ALA D 66 28.98 1.61 -7.91
CA ALA D 66 28.93 0.23 -8.38
C ALA D 66 28.00 -0.63 -7.53
N PRO D 67 27.24 -1.54 -8.17
CA PRO D 67 26.27 -2.37 -7.47
C PRO D 67 26.89 -3.65 -6.84
N CYS D 68 28.21 -3.83 -6.99
CA CYS D 68 28.90 -5.03 -6.52
C CYS D 68 30.22 -4.69 -5.84
N VAL D 69 30.72 -5.65 -5.08
CA VAL D 69 32.09 -5.58 -4.57
C VAL D 69 32.80 -6.90 -4.88
N VAL D 70 34.12 -6.85 -4.79
CA VAL D 70 34.96 -8.04 -4.87
C VAL D 70 35.83 -8.18 -3.59
N LYS D 71 35.66 -9.31 -2.90
CA LYS D 71 36.44 -9.66 -1.71
C LYS D 71 37.55 -10.60 -2.18
N VAL D 72 38.78 -10.28 -1.81
CA VAL D 72 39.93 -11.04 -2.24
C VAL D 72 40.87 -11.50 -1.11
N GLU D 73 41.23 -12.77 -1.16
CA GLU D 73 42.13 -13.40 -0.23
C GLU D 73 43.04 -14.36 -0.97
N PRO D 74 44.13 -14.75 -0.33
CA PRO D 74 45.01 -15.73 -0.94
C PRO D 74 44.27 -17.03 -1.09
N SER D 75 44.60 -17.78 -2.12
CA SER D 75 43.94 -19.03 -2.45
C SER D 75 44.03 -20.16 -1.41
N ASP D 76 45.02 -20.12 -0.52
CA ASP D 76 45.22 -21.19 0.43
C ASP D 76 44.23 -21.19 1.59
N ASN D 77 43.03 -21.68 1.26
CA ASN D 77 41.91 -21.86 2.16
C ASN D 77 41.47 -20.61 2.93
N GLY D 78 41.23 -20.77 4.21
CA GLY D 78 40.80 -19.65 5.03
C GLY D 78 39.32 -19.31 4.99
N PRO D 79 39.03 -18.12 5.49
CA PRO D 79 37.67 -17.61 5.62
C PRO D 79 36.90 -17.45 4.31
N LEU D 80 37.54 -16.99 3.26
CA LEU D 80 36.83 -16.75 2.02
C LEU D 80 36.33 -18.07 1.39
N PHE D 81 37.11 -19.16 1.51
CA PHE D 81 36.65 -20.49 1.09
C PHE D 81 35.47 -20.96 1.91
N THR D 82 35.52 -20.74 3.23
CA THR D 82 34.42 -21.08 4.14
C THR D 82 33.13 -20.34 3.73
N GLU D 83 33.32 -19.09 3.36
CA GLU D 83 32.25 -18.21 2.88
C GLU D 83 31.66 -18.72 1.53
N LEU D 84 32.54 -19.10 0.60
CA LEU D 84 32.14 -19.66 -0.69
C LEU D 84 31.23 -20.89 -0.54
N LYS D 85 31.65 -21.85 0.28
CA LYS D 85 30.86 -23.07 0.54
C LYS D 85 29.52 -22.74 1.20
N PHE D 86 29.52 -21.77 2.11
CA PHE D 86 28.28 -21.34 2.75
C PHE D 86 27.28 -20.83 1.70
N TYR D 87 27.70 -19.87 0.88
CA TYR D 87 26.79 -19.33 -0.14
C TYR D 87 26.30 -20.35 -1.15
N GLN D 88 27.19 -21.24 -1.59
CA GLN D 88 26.82 -22.29 -2.56
C GLN D 88 25.83 -23.34 -2.00
N ARG D 89 25.97 -23.72 -0.73
N ARG D 89 25.98 -23.71 -0.73
CA ARG D 89 25.08 -24.72 -0.11
CA ARG D 89 25.08 -24.68 -0.10
C ARG D 89 23.79 -24.09 0.43
C ARG D 89 23.78 -24.04 0.37
N ALA D 90 23.90 -22.93 1.10
CA ALA D 90 22.78 -22.38 1.91
C ALA D 90 22.13 -21.08 1.44
N ALA D 91 22.75 -20.37 0.52
CA ALA D 91 22.27 -19.05 0.14
C ALA D 91 22.31 -18.78 -1.33
N LYS D 92 21.90 -19.74 -2.14
CA LYS D 92 21.66 -19.46 -3.55
C LYS D 92 20.43 -18.52 -3.61
N PRO D 93 20.36 -17.66 -4.64
CA PRO D 93 19.20 -16.76 -4.80
C PRO D 93 17.81 -17.41 -4.78
N GLU D 94 17.64 -18.61 -5.36
CA GLU D 94 16.34 -19.33 -5.25
C GLU D 94 15.97 -19.80 -3.83
N GLN D 95 16.97 -20.12 -2.99
CA GLN D 95 16.72 -20.54 -1.61
C GLN D 95 16.23 -19.36 -0.81
N ILE D 96 16.92 -18.24 -0.98
CA ILE D 96 16.58 -16.99 -0.33
C ILE D 96 15.16 -16.53 -0.72
N GLN D 97 14.85 -16.56 -2.02
CA GLN D 97 13.54 -16.08 -2.52
C GLN D 97 12.40 -16.97 -2.06
N LYS D 98 12.60 -18.28 -2.08
CA LYS D 98 11.61 -19.20 -1.54
C LYS D 98 11.30 -18.91 -0.08
N TRP D 99 12.33 -18.63 0.71
CA TRP D 99 12.12 -18.31 2.11
C TRP D 99 11.37 -16.97 2.30
N ILE D 100 11.75 -15.94 1.53
CA ILE D 100 11.04 -14.63 1.58
C ILE D 100 9.52 -14.83 1.28
N ARG D 101 9.23 -15.61 0.25
CA ARG D 101 7.85 -15.87 -0.15
C ARG D 101 7.11 -16.68 0.93
N THR D 102 7.66 -17.81 1.37
CA THR D 102 6.96 -18.69 2.32
C THR D 102 6.81 -18.14 3.72
N ARG D 103 7.72 -17.27 4.16
CA ARG D 103 7.66 -16.69 5.51
CA ARG D 103 7.63 -16.70 5.50
C ARG D 103 7.03 -15.29 5.45
N LYS D 104 6.64 -14.85 4.24
CA LYS D 104 5.95 -13.57 4.00
C LYS D 104 6.72 -12.42 4.59
N LEU D 105 7.99 -12.35 4.22
CA LEU D 105 8.92 -11.33 4.72
C LEU D 105 8.94 -10.19 3.75
N LYS D 106 9.19 -8.97 4.25
CA LYS D 106 9.40 -7.81 3.36
C LYS D 106 10.75 -8.00 2.63
N TYR D 107 11.76 -8.52 3.34
CA TYR D 107 13.05 -8.81 2.74
C TYR D 107 13.78 -9.82 3.65
N LEU D 108 14.94 -10.27 3.23
CA LEU D 108 15.82 -11.09 4.11
C LEU D 108 17.25 -10.59 3.94
N GLY D 109 17.94 -10.32 5.06
CA GLY D 109 19.26 -9.72 5.04
C GLY D 109 20.45 -10.66 4.85
N VAL D 110 20.35 -11.54 3.85
CA VAL D 110 21.43 -12.42 3.42
C VAL D 110 21.88 -11.85 2.08
N PRO D 111 23.17 -11.50 1.96
CA PRO D 111 23.63 -10.85 0.73
C PRO D 111 23.53 -11.76 -0.48
N LYS D 112 23.50 -11.16 -1.66
CA LYS D 112 23.56 -11.90 -2.90
C LYS D 112 25.02 -12.12 -3.30
N TYR D 113 25.31 -13.39 -3.62
CA TYR D 113 26.58 -13.87 -4.14
C TYR D 113 26.44 -13.97 -5.67
N TRP D 114 27.33 -13.29 -6.38
CA TRP D 114 27.28 -13.20 -7.83
C TRP D 114 28.23 -14.19 -8.50
N GLY D 115 29.29 -14.64 -7.81
CA GLY D 115 30.25 -15.54 -8.46
C GLY D 115 31.59 -15.45 -7.76
N SER D 116 32.50 -16.32 -8.17
CA SER D 116 33.79 -16.49 -7.53
C SER D 116 34.78 -17.05 -8.52
N GLY D 117 36.06 -16.86 -8.22
CA GLY D 117 37.10 -17.40 -9.10
C GLY D 117 38.49 -17.22 -8.54
N LEU D 118 39.46 -17.29 -9.42
CA LEU D 118 40.86 -17.15 -9.06
C LEU D 118 41.50 -16.10 -9.92
N HIS D 119 42.45 -15.39 -9.34
CA HIS D 119 43.20 -14.39 -10.08
C HIS D 119 44.64 -14.44 -9.66
N ASP D 120 45.56 -14.35 -10.63
CA ASP D 120 46.96 -14.38 -10.30
C ASP D 120 47.61 -13.04 -10.57
N LYS D 121 48.18 -12.45 -9.52
CA LYS D 121 48.87 -11.17 -9.65
C LYS D 121 50.25 -11.32 -9.05
N ASN D 122 51.27 -10.90 -9.78
CA ASN D 122 52.65 -10.96 -9.29
C ASN D 122 53.05 -12.34 -8.78
N GLY D 123 52.72 -13.37 -9.53
CA GLY D 123 53.02 -14.74 -9.14
C GLY D 123 52.09 -15.42 -8.16
N LYS D 124 51.79 -14.77 -7.04
CA LYS D 124 50.91 -15.34 -6.02
C LYS D 124 49.47 -15.49 -6.50
N SER D 125 48.78 -16.50 -5.97
CA SER D 125 47.39 -16.77 -6.35
C SER D 125 46.35 -16.30 -5.33
N TYR D 126 45.33 -15.62 -5.82
CA TYR D 126 44.25 -15.09 -4.97
C TYR D 126 42.91 -15.71 -5.35
N ARG D 127 42.07 -15.91 -4.35
CA ARG D 127 40.67 -16.29 -4.59
C ARG D 127 39.80 -15.07 -4.34
N PHE D 128 38.70 -14.97 -5.08
CA PHE D 128 37.81 -13.82 -4.96
C PHE D 128 36.36 -14.24 -4.99
N MET D 129 35.51 -13.42 -4.38
CA MET D 129 34.05 -13.55 -4.43
C MET D 129 33.40 -12.20 -4.76
N ILE D 130 32.38 -12.23 -5.65
CA ILE D 130 31.65 -11.05 -6.09
C ILE D 130 30.39 -11.01 -5.26
N MET D 131 30.21 -9.94 -4.49
CA MET D 131 29.03 -9.80 -3.60
C MET D 131 28.30 -8.47 -3.85
N ASP D 132 27.06 -8.35 -3.35
CA ASP D 132 26.33 -7.06 -3.34
C ASP D 132 27.20 -5.98 -2.75
N ARG D 133 27.14 -4.79 -3.33
CA ARG D 133 27.59 -3.57 -2.68
C ARG D 133 26.47 -3.05 -1.78
N PHE D 134 26.83 -2.72 -0.54
CA PHE D 134 25.92 -2.16 0.44
C PHE D 134 26.24 -0.68 0.73
N GLY D 135 25.46 -0.11 1.64
CA GLY D 135 25.77 1.21 2.21
C GLY D 135 26.67 1.05 3.40
N SER D 136 26.50 1.94 4.38
CA SER D 136 27.32 1.97 5.59
C SER D 136 27.14 0.76 6.53
N ASP D 137 28.20 0.46 7.27
CA ASP D 137 28.11 -0.49 8.37
C ASP D 137 27.42 0.18 9.56
N LEU D 138 26.84 -0.64 10.44
CA LEU D 138 26.21 -0.09 11.66
C LEU D 138 27.20 0.48 12.68
N GLN D 139 28.44 -0.01 12.70
CA GLN D 139 29.46 0.49 13.68
C GLN D 139 29.78 1.97 13.50
N LYS D 140 29.90 2.44 12.26
CA LYS D 140 30.09 3.86 11.95
C LYS D 140 28.90 4.72 12.42
N ILE D 141 27.67 4.22 12.22
CA ILE D 141 26.47 4.93 12.65
C ILE D 141 26.38 4.97 14.21
N TYR D 142 26.55 3.80 14.85
CA TYR D 142 26.62 3.67 16.31
C TYR D 142 27.52 4.71 16.95
N GLU D 143 28.73 4.81 16.39
CA GLU D 143 29.75 5.74 16.87
C GLU D 143 29.41 7.20 16.61
N ALA D 144 28.85 7.49 15.44
CA ALA D 144 28.39 8.85 15.11
C ALA D 144 27.26 9.30 16.06
N ASN D 145 26.54 8.31 16.59
CA ASN D 145 25.43 8.52 17.51
C ASN D 145 25.83 8.36 18.99
N ALA D 146 27.08 8.69 19.32
CA ALA D 146 27.60 8.63 20.70
C ALA D 146 27.51 7.23 21.35
N LYS D 147 27.62 6.19 20.53
CA LYS D 147 27.59 4.80 21.00
C LYS D 147 26.28 4.41 21.70
N ARG D 148 25.16 4.81 21.11
CA ARG D 148 23.85 4.34 21.50
C ARG D 148 22.98 4.12 20.27
N PHE D 149 22.17 3.06 20.30
CA PHE D 149 20.96 2.97 19.51
C PHE D 149 19.77 3.01 20.47
N SER D 150 18.68 3.65 20.06
CA SER D 150 17.44 3.64 20.83
C SER D 150 16.87 2.24 21.01
N ARG D 151 15.99 2.11 21.98
CA ARG D 151 15.33 0.84 22.22
C ARG D 151 14.54 0.38 20.98
N LYS D 152 13.78 1.29 20.39
CA LYS D 152 13.08 1.06 19.12
C LYS D 152 14.03 0.45 18.06
N THR D 153 15.12 1.17 17.81
CA THR D 153 16.16 0.76 16.86
C THR D 153 16.70 -0.63 17.14
N VAL D 154 17.09 -0.85 18.39
CA VAL D 154 17.69 -2.15 18.77
C VAL D 154 16.70 -3.31 18.53
N LEU D 155 15.45 -3.07 18.91
CA LEU D 155 14.40 -4.07 18.73
C LEU D 155 14.14 -4.35 17.25
N GLN D 156 14.09 -3.30 16.44
CA GLN D 156 13.87 -3.45 15.01
C GLN D 156 15.05 -4.15 14.31
N LEU D 157 16.27 -3.75 14.63
CA LEU D 157 17.46 -4.46 14.12
C LEU D 157 17.42 -5.93 14.48
N SER D 158 17.13 -6.21 15.74
CA SER D 158 17.19 -7.56 16.27
C SER D 158 16.14 -8.48 15.70
N LEU D 159 14.96 -7.92 15.38
CA LEU D 159 13.94 -8.69 14.71
C LEU D 159 14.42 -9.16 13.32
N ARG D 160 15.09 -8.27 12.59
CA ARG D 160 15.56 -8.57 11.25
C ARG D 160 16.75 -9.57 11.32
N ILE D 161 17.56 -9.45 12.36
CA ILE D 161 18.66 -10.39 12.62
C ILE D 161 18.10 -11.77 13.00
N LEU D 162 17.02 -11.86 13.79
CA LEU D 162 16.35 -13.16 13.99
C LEU D 162 15.87 -13.84 12.70
N ASP D 163 15.40 -13.06 11.73
CA ASP D 163 15.01 -13.64 10.44
C ASP D 163 16.21 -14.24 9.76
N ILE D 164 17.33 -13.53 9.77
CA ILE D 164 18.58 -14.01 9.18
C ILE D 164 19.10 -15.26 9.88
N LEU D 165 19.12 -15.21 11.19
CA LEU D 165 19.62 -16.33 11.95
C LEU D 165 18.76 -17.56 11.71
N GLU D 166 17.44 -17.40 11.73
CA GLU D 166 16.59 -18.55 11.53
C GLU D 166 16.81 -19.14 10.13
N TYR D 167 16.96 -18.29 9.12
CA TYR D 167 17.22 -18.77 7.79
C TYR D 167 18.51 -19.62 7.71
N ILE D 168 19.62 -19.05 8.16
CA ILE D 168 20.91 -19.78 8.06
C ILE D 168 20.89 -21.05 8.94
N HIS D 169 20.28 -20.94 10.13
CA HIS D 169 20.15 -22.08 11.05
C HIS D 169 19.38 -23.25 10.41
N GLU D 170 18.28 -22.94 9.72
CA GLU D 170 17.48 -23.95 9.03
C GLU D 170 18.14 -24.49 7.78
N HIS D 171 19.21 -23.84 7.33
CA HIS D 171 20.03 -24.32 6.24
C HIS D 171 21.40 -24.79 6.76
N GLU D 172 21.46 -25.25 8.02
CA GLU D 172 22.58 -26.02 8.56
C GLU D 172 23.82 -25.19 9.00
N TYR D 173 23.71 -23.85 9.02
CA TYR D 173 24.84 -22.98 9.38
C TYR D 173 24.56 -22.05 10.57
N VAL D 174 25.64 -21.68 11.26
CA VAL D 174 25.62 -20.56 12.21
C VAL D 174 26.66 -19.59 11.74
N HIS D 175 26.51 -18.31 12.14
CA HIS D 175 27.43 -17.25 11.70
C HIS D 175 28.65 -17.08 12.60
N GLY D 176 28.40 -17.06 13.91
CA GLY D 176 29.40 -16.97 14.94
C GLY D 176 30.04 -15.63 15.24
N ASP D 177 29.65 -14.58 14.52
CA ASP D 177 30.35 -13.29 14.61
C ASP D 177 29.48 -12.09 14.29
N ILE D 178 28.25 -12.16 14.79
CA ILE D 178 27.31 -11.06 14.70
C ILE D 178 27.84 -9.87 15.53
N LYS D 179 27.94 -8.72 14.86
CA LYS D 179 28.31 -7.44 15.46
C LYS D 179 28.02 -6.31 14.47
N ALA D 180 28.04 -5.08 14.98
CA ALA D 180 27.69 -3.91 14.19
C ALA D 180 28.56 -3.71 12.94
N SER D 181 29.86 -4.00 13.02
CA SER D 181 30.74 -3.94 11.83
C SER D 181 30.47 -5.00 10.73
N ASN D 182 29.73 -6.05 11.04
CA ASN D 182 29.25 -7.07 10.08
C ASN D 182 27.74 -6.88 9.75
N LEU D 183 27.19 -5.72 10.09
CA LEU D 183 25.81 -5.39 9.73
C LEU D 183 25.78 -4.15 8.82
N LEU D 184 25.40 -4.35 7.56
CA LEU D 184 25.45 -3.29 6.55
C LEU D 184 24.04 -2.95 6.07
N LEU D 185 23.80 -1.69 5.75
CA LEU D 185 22.49 -1.28 5.25
C LEU D 185 22.42 -1.51 3.74
N ASN D 186 21.22 -1.82 3.25
CA ASN D 186 20.97 -1.84 1.82
C ASN D 186 21.37 -0.48 1.23
N TYR D 187 22.20 -0.49 0.21
CA TYR D 187 22.61 0.72 -0.49
C TYR D 187 21.40 1.56 -0.94
N LYS D 188 20.37 0.88 -1.46
CA LYS D 188 19.17 1.54 -1.95
C LYS D 188 18.06 1.72 -0.90
N ASN D 189 18.28 1.29 0.35
CA ASN D 189 17.23 1.37 1.37
C ASN D 189 17.78 1.30 2.81
N PRO D 190 17.85 2.45 3.50
CA PRO D 190 18.41 2.47 4.86
C PRO D 190 17.60 1.79 5.98
N ASP D 191 16.42 1.22 5.68
CA ASP D 191 15.69 0.43 6.69
C ASP D 191 15.88 -1.09 6.60
N GLN D 192 16.79 -1.53 5.72
CA GLN D 192 17.04 -2.95 5.49
C GLN D 192 18.49 -3.22 5.91
N VAL D 193 18.67 -4.11 6.87
CA VAL D 193 20.00 -4.41 7.40
C VAL D 193 20.36 -5.82 6.96
N TYR D 194 21.60 -5.99 6.51
CA TYR D 194 22.17 -7.27 6.05
C TYR D 194 23.31 -7.71 6.98
N LEU D 195 23.38 -9.02 7.26
CA LEU D 195 24.50 -9.62 8.00
C LEU D 195 25.49 -10.17 6.96
N VAL D 196 26.73 -9.73 7.06
CA VAL D 196 27.81 -10.08 6.13
C VAL D 196 28.99 -10.78 6.86
N ASP D 197 30.02 -11.11 6.08
CA ASP D 197 31.23 -11.81 6.56
C ASP D 197 30.91 -13.17 7.20
N TYR D 198 30.71 -14.19 6.37
CA TYR D 198 30.46 -15.53 6.85
C TYR D 198 31.77 -16.33 7.01
N GLY D 199 32.91 -15.66 7.14
CA GLY D 199 34.21 -16.34 7.25
C GLY D 199 34.39 -17.21 8.49
N LEU D 200 33.65 -16.94 9.55
CA LEU D 200 33.62 -17.85 10.68
C LEU D 200 32.41 -18.76 10.69
N ALA D 201 31.63 -18.82 9.62
CA ALA D 201 30.41 -19.60 9.65
C ALA D 201 30.74 -21.09 9.76
N TYR D 202 29.86 -21.84 10.40
CA TYR D 202 30.11 -23.23 10.68
C TYR D 202 28.86 -24.02 10.32
N ARG D 203 29.08 -25.13 9.62
CA ARG D 203 28.01 -26.04 9.28
C ARG D 203 27.82 -27.01 10.44
N TYR D 204 26.98 -26.57 11.35
CA TYR D 204 26.73 -27.24 12.63
C TYR D 204 25.88 -28.49 12.50
N CYS D 205 25.19 -28.66 11.38
CA CYS D 205 24.16 -29.70 11.28
C CYS D 205 24.13 -30.38 9.91
N PRO D 206 25.29 -30.93 9.46
CA PRO D 206 25.34 -31.53 8.13
C PRO D 206 24.28 -32.64 7.98
N GLU D 207 23.37 -32.46 7.03
CA GLU D 207 22.25 -33.41 6.76
C GLU D 207 21.40 -33.73 7.97
N GLY D 208 21.12 -32.74 8.81
CA GLY D 208 20.23 -32.95 9.93
C GLY D 208 20.86 -33.61 11.16
N VAL D 209 22.17 -33.87 11.15
CA VAL D 209 22.85 -34.47 12.30
C VAL D 209 23.69 -33.40 13.01
N HIS D 210 23.30 -33.08 14.25
CA HIS D 210 23.98 -32.01 14.98
C HIS D 210 25.39 -32.46 15.37
N LYS D 211 26.38 -31.60 15.15
CA LYS D 211 27.75 -31.67 15.76
C LYS D 211 27.64 -31.96 17.26
N ALA D 212 28.37 -32.99 17.72
CA ALA D 212 28.37 -33.38 19.14
C ALA D 212 29.18 -32.37 19.94
N TYR D 213 28.73 -32.13 21.17
CA TYR D 213 29.40 -31.19 22.05
C TYR D 213 30.80 -31.73 22.34
N ALA D 214 31.83 -30.91 22.16
CA ALA D 214 33.19 -31.23 22.57
C ALA D 214 34.02 -29.96 22.59
N ALA D 215 34.93 -29.87 23.54
CA ALA D 215 35.81 -28.70 23.74
C ALA D 215 37.13 -29.04 23.09
N ASP D 216 37.59 -28.20 22.18
CA ASP D 216 38.79 -28.38 21.43
C ASP D 216 39.70 -27.20 21.78
N PRO D 217 40.89 -27.47 22.38
CA PRO D 217 41.83 -26.38 22.77
C PRO D 217 42.15 -25.41 21.64
N LYS D 218 42.18 -25.87 20.39
CA LYS D 218 42.38 -24.99 19.23
C LYS D 218 41.26 -24.05 18.90
N ARG D 219 40.01 -24.32 19.28
CA ARG D 219 38.92 -23.38 19.03
C ARG D 219 38.75 -22.32 20.09
N CYS D 220 39.40 -22.45 21.25
CA CYS D 220 39.04 -21.58 22.40
C CYS D 220 39.10 -20.12 21.98
N HIS D 221 37.99 -19.40 22.23
CA HIS D 221 37.90 -17.94 21.99
C HIS D 221 37.83 -17.53 20.52
N ASP D 222 37.33 -18.40 19.65
CA ASP D 222 36.97 -18.00 18.29
C ASP D 222 35.91 -16.87 18.38
N GLY D 223 35.87 -16.05 17.35
CA GLY D 223 34.90 -14.97 17.26
C GLY D 223 35.50 -13.69 17.78
N THR D 224 34.65 -12.69 18.02
CA THR D 224 35.10 -11.40 18.47
C THR D 224 34.92 -11.43 19.99
N ILE D 225 36.00 -11.18 20.73
CA ILE D 225 36.07 -11.57 22.16
C ILE D 225 34.97 -10.97 23.04
N GLU D 226 34.65 -9.69 22.85
CA GLU D 226 33.59 -9.05 23.71
C GLU D 226 32.18 -9.60 23.47
N PHE D 227 31.95 -10.15 22.29
CA PHE D 227 30.61 -10.64 21.91
C PHE D 227 30.46 -12.15 21.79
N THR D 228 31.56 -12.91 21.77
CA THR D 228 31.46 -14.30 21.39
C THR D 228 30.75 -15.10 22.48
N SER D 229 30.37 -16.30 22.15
CA SER D 229 29.62 -17.16 23.06
C SER D 229 30.50 -17.87 24.06
N ILE D 230 29.89 -18.23 25.19
CA ILE D 230 30.54 -19.06 26.21
C ILE D 230 31.04 -20.36 25.57
N ASP D 231 30.20 -20.98 24.74
CA ASP D 231 30.67 -22.12 23.97
C ASP D 231 32.01 -21.85 23.25
N ALA D 232 32.08 -20.75 22.51
CA ALA D 232 33.30 -20.43 21.77
C ALA D 232 34.49 -20.24 22.70
N HIS D 233 34.28 -19.56 23.82
CA HIS D 233 35.35 -19.39 24.80
C HIS D 233 35.86 -20.70 25.30
N ASN D 234 34.95 -21.68 25.42
CA ASN D 234 35.29 -23.03 25.91
C ASN D 234 35.92 -23.95 24.83
N GLY D 235 36.03 -23.44 23.60
CA GLY D 235 36.55 -24.18 22.46
C GLY D 235 35.56 -25.16 21.87
N VAL D 236 34.31 -24.89 22.07
CA VAL D 236 33.22 -25.67 21.50
C VAL D 236 32.79 -25.03 20.20
N ALA D 237 32.58 -25.90 19.21
CA ALA D 237 32.15 -25.49 17.89
C ALA D 237 30.84 -24.72 18.05
N PRO D 238 30.68 -23.59 17.35
CA PRO D 238 29.48 -22.78 17.56
C PRO D 238 28.19 -23.47 17.11
N SER D 239 27.12 -23.24 17.84
CA SER D 239 25.81 -23.75 17.52
C SER D 239 24.79 -22.62 17.62
N ARG D 240 23.51 -22.99 17.51
CA ARG D 240 22.45 -22.02 17.40
C ARG D 240 22.35 -21.14 18.63
N ARG D 241 22.46 -21.71 19.83
CA ARG D 241 22.37 -20.91 21.04
C ARG D 241 23.48 -19.86 21.08
N GLY D 242 24.67 -20.22 20.59
CA GLY D 242 25.76 -19.26 20.48
C GLY D 242 25.41 -17.99 19.67
N ASP D 243 24.76 -18.17 18.50
CA ASP D 243 24.40 -17.02 17.67
C ASP D 243 23.41 -16.12 18.43
N LEU D 244 22.48 -16.73 19.16
CA LEU D 244 21.46 -15.94 19.90
C LEU D 244 22.07 -15.22 21.08
N GLU D 245 23.11 -15.84 21.65
CA GLU D 245 23.83 -15.28 22.79
C GLU D 245 24.63 -14.06 22.32
N ILE D 246 25.33 -14.20 21.20
CA ILE D 246 26.08 -13.11 20.61
C ILE D 246 25.14 -11.94 20.33
N LEU D 247 23.97 -12.21 19.75
CA LEU D 247 23.00 -11.13 19.52
C LEU D 247 22.61 -10.44 20.87
N GLY D 248 22.43 -11.23 21.92
CA GLY D 248 22.10 -10.69 23.27
C GLY D 248 23.08 -9.62 23.74
N TYR D 249 24.37 -9.95 23.62
CA TYR D 249 25.45 -9.06 23.99
C TYR D 249 25.46 -7.83 23.11
N CYS D 250 25.28 -8.01 21.80
CA CYS D 250 25.20 -6.85 20.93
C CYS D 250 24.06 -5.89 21.39
N MET D 251 22.86 -6.43 21.68
CA MET D 251 21.70 -5.61 22.07
C MET D 251 22.03 -4.74 23.29
N ILE D 252 22.76 -5.31 24.26
CA ILE D 252 23.11 -4.63 25.49
C ILE D 252 24.14 -3.54 25.19
N GLN D 253 25.18 -3.91 24.42
CA GLN D 253 26.18 -2.95 23.89
C GLN D 253 25.55 -1.75 23.16
N TRP D 254 24.58 -2.03 22.31
CA TRP D 254 23.88 -0.96 21.56
C TRP D 254 22.98 -0.09 22.45
N LEU D 255 22.29 -0.71 23.41
CA LEU D 255 21.37 0.04 24.30
C LEU D 255 22.12 0.90 25.33
N THR D 256 23.18 0.34 25.91
CA THR D 256 23.92 0.95 27.04
C THR D 256 25.28 1.58 26.71
N GLY D 257 25.83 1.27 25.54
CA GLY D 257 27.16 1.70 25.15
C GLY D 257 28.32 0.92 25.76
N HIS D 258 28.03 -0.13 26.53
CA HIS D 258 29.02 -0.87 27.33
C HIS D 258 28.66 -2.35 27.50
N LEU D 259 29.67 -3.15 27.84
CA LEU D 259 29.48 -4.50 28.39
C LEU D 259 30.37 -4.63 29.65
N PRO D 260 29.96 -5.44 30.66
CA PRO D 260 30.68 -5.49 31.94
C PRO D 260 32.16 -5.90 31.85
N TRP D 261 32.51 -6.66 30.81
CA TRP D 261 33.83 -7.24 30.69
C TRP D 261 34.75 -6.43 29.77
N GLU D 262 34.27 -5.28 29.29
CA GLU D 262 34.97 -4.51 28.27
C GLU D 262 36.32 -3.94 28.72
N ASP D 263 36.59 -3.91 30.04
CA ASP D 263 37.85 -3.34 30.55
C ASP D 263 39.03 -4.33 30.68
N ASN D 264 38.82 -5.62 30.38
CA ASN D 264 39.89 -6.61 30.45
C ASN D 264 39.73 -7.65 29.31
N LEU D 265 39.55 -7.15 28.10
CA LEU D 265 39.44 -7.96 26.89
C LEU D 265 40.76 -8.65 26.47
N LYS D 266 41.91 -8.17 27.00
CA LYS D 266 43.20 -8.84 26.86
C LYS D 266 43.33 -10.09 27.74
N ASP D 267 42.33 -10.39 28.58
CA ASP D 267 42.35 -11.58 29.46
C ASP D 267 41.14 -12.45 29.08
N PRO D 268 41.31 -13.39 28.13
CA PRO D 268 40.12 -14.12 27.65
C PRO D 268 39.43 -15.03 28.69
N LYS D 269 40.17 -15.54 29.68
CA LYS D 269 39.59 -16.29 30.78
C LYS D 269 38.64 -15.44 31.62
N TYR D 270 39.08 -14.22 31.95
CA TYR D 270 38.23 -13.25 32.65
C TYR D 270 36.97 -12.98 31.86
N VAL D 271 37.10 -12.79 30.56
CA VAL D 271 35.94 -12.48 29.73
C VAL D 271 34.97 -13.65 29.77
N ARG D 272 35.51 -14.86 29.59
CA ARG D 272 34.73 -16.10 29.63
C ARG D 272 34.00 -16.25 30.96
N ASP D 273 34.76 -16.11 32.05
CA ASP D 273 34.24 -16.33 33.39
C ASP D 273 33.21 -15.27 33.76
N SER D 274 33.41 -14.06 33.30
CA SER D 274 32.44 -13.00 33.54
C SER D 274 31.09 -13.30 32.83
N LYS D 275 31.12 -13.77 31.59
CA LYS D 275 29.90 -14.20 30.89
C LYS D 275 29.24 -15.37 31.57
N ILE D 276 30.04 -16.32 32.07
CA ILE D 276 29.49 -17.44 32.83
C ILE D 276 28.78 -16.97 34.09
N ARG D 277 29.41 -16.04 34.81
N ARG D 277 29.38 -16.04 34.84
CA ARG D 277 28.84 -15.40 36.00
CA ARG D 277 28.74 -15.47 36.03
C ARG D 277 27.49 -14.75 35.69
C ARG D 277 27.44 -14.78 35.68
N TYR D 278 27.46 -13.96 34.62
CA TYR D 278 26.26 -13.24 34.22
C TYR D 278 25.17 -14.07 33.51
N ARG D 279 25.51 -15.28 33.06
CA ARG D 279 24.51 -16.30 32.66
C ARG D 279 23.94 -16.98 33.89
N GLU D 280 24.81 -17.27 34.85
CA GLU D 280 24.34 -17.88 36.11
C GLU D 280 23.36 -16.95 36.84
N ASN D 281 23.67 -15.66 36.90
CA ASN D 281 22.77 -14.65 37.52
C ASN D 281 22.45 -13.49 36.57
N ILE D 282 21.35 -13.65 35.83
CA ILE D 282 20.92 -12.68 34.84
C ILE D 282 20.34 -11.42 35.52
N ALA D 283 19.75 -11.56 36.70
CA ALA D 283 19.36 -10.35 37.47
C ALA D 283 20.59 -9.47 37.72
N SER D 284 21.74 -10.07 38.07
CA SER D 284 22.98 -9.27 38.32
C SER D 284 23.51 -8.63 37.01
N LEU D 285 23.30 -9.30 35.87
CA LEU D 285 23.60 -8.71 34.57
C LEU D 285 22.76 -7.47 34.30
N MET D 286 21.46 -7.57 34.51
CA MET D 286 20.54 -6.45 34.29
C MET D 286 20.88 -5.27 35.23
N ASP D 287 21.18 -5.59 36.48
CA ASP D 287 21.65 -4.61 37.48
C ASP D 287 22.93 -3.94 37.06
N LYS D 288 23.89 -4.72 36.56
CA LYS D 288 25.18 -4.17 36.15
C LYS D 288 25.02 -3.26 34.93
N CYS D 289 24.27 -3.68 33.91
CA CYS D 289 24.18 -2.92 32.64
C CYS D 289 23.17 -1.78 32.57
N PHE D 290 22.07 -1.89 33.32
CA PHE D 290 20.97 -0.91 33.28
C PHE D 290 20.66 -0.29 34.62
N PRO D 291 20.18 0.94 34.63
CA PRO D 291 19.64 1.49 35.89
C PRO D 291 18.42 0.69 36.32
N ALA D 292 18.16 0.67 37.62
CA ALA D 292 16.98 0.01 38.17
C ALA D 292 15.70 0.56 37.52
N ALA D 293 15.63 1.87 37.33
CA ALA D 293 14.45 2.54 36.76
C ALA D 293 14.25 2.34 35.25
N ASN D 294 15.26 1.92 34.53
CA ASN D 294 15.07 1.63 33.09
C ASN D 294 15.82 0.39 32.63
N ALA D 295 15.33 -0.75 33.11
CA ALA D 295 15.84 -2.06 32.78
C ALA D 295 14.84 -2.74 31.83
N PRO D 296 15.15 -2.81 30.52
CA PRO D 296 14.12 -3.33 29.59
C PRO D 296 13.88 -4.85 29.78
N GLY D 297 12.66 -5.19 30.22
CA GLY D 297 12.28 -6.57 30.56
C GLY D 297 12.45 -7.58 29.42
N GLU D 298 12.29 -7.13 28.18
CA GLU D 298 12.45 -7.99 27.01
C GLU D 298 13.92 -8.50 26.89
N ILE D 299 14.88 -7.67 27.29
CA ILE D 299 16.28 -8.05 27.26
C ILE D 299 16.52 -9.17 28.30
N ALA D 300 16.03 -8.97 29.51
CA ALA D 300 16.14 -10.01 30.53
C ALA D 300 15.54 -11.32 30.03
N LYS D 301 14.30 -11.26 29.51
CA LYS D 301 13.59 -12.47 29.07
C LYS D 301 14.32 -13.16 27.95
N TYR D 302 14.79 -12.36 26.99
CA TYR D 302 15.62 -12.86 25.92
C TYR D 302 16.81 -13.68 26.44
N MET D 303 17.53 -13.09 27.38
CA MET D 303 18.74 -13.69 27.95
C MET D 303 18.41 -14.95 28.75
N GLU D 304 17.25 -14.98 29.41
CA GLU D 304 16.80 -16.16 30.16
C GLU D 304 16.43 -17.30 29.22
N THR D 305 15.82 -16.93 28.09
CA THR D 305 15.49 -17.91 27.05
C THR D 305 16.75 -18.52 26.42
N VAL D 306 17.73 -17.69 26.11
CA VAL D 306 18.98 -18.20 25.57
C VAL D 306 19.67 -19.14 26.60
N LYS D 307 19.64 -18.76 27.88
CA LYS D 307 20.16 -19.58 28.97
C LYS D 307 19.56 -20.99 29.02
N LEU D 308 18.23 -21.06 28.86
CA LEU D 308 17.53 -22.32 28.80
C LEU D 308 17.93 -23.25 27.62
N LEU D 309 18.51 -22.72 26.55
CA LEU D 309 18.89 -23.56 25.40
C LEU D 309 20.06 -24.51 25.68
N ASP D 310 19.86 -25.79 25.35
CA ASP D 310 20.97 -26.71 25.25
C ASP D 310 21.75 -26.52 23.94
N TYR D 311 22.96 -27.06 23.96
CA TYR D 311 23.87 -26.92 22.83
C TYR D 311 23.28 -27.33 21.48
N THR D 312 22.56 -28.45 21.47
CA THR D 312 21.96 -28.98 20.25
C THR D 312 20.52 -28.54 20.06
N GLU D 313 19.93 -27.88 21.05
CA GLU D 313 18.51 -27.54 20.98
C GLU D 313 18.08 -26.56 19.88
N LYS D 314 16.97 -26.89 19.22
CA LYS D 314 16.40 -25.96 18.24
C LYS D 314 15.70 -24.81 18.96
N PRO D 315 16.12 -23.56 18.72
CA PRO D 315 15.39 -22.45 19.34
C PRO D 315 13.94 -22.35 18.86
N LEU D 316 13.06 -21.81 19.69
CA LEU D 316 11.69 -21.51 19.34
C LEU D 316 11.75 -20.05 18.98
N TYR D 317 12.02 -19.82 17.70
CA TYR D 317 12.27 -18.50 17.14
C TYR D 317 11.05 -17.54 17.29
N GLU D 318 9.84 -18.07 17.24
CA GLU D 318 8.64 -17.25 17.42
C GLU D 318 8.45 -16.76 18.87
N ASN D 319 8.78 -17.58 19.87
CA ASN D 319 8.86 -17.14 21.30
C ASN D 319 9.90 -15.95 21.42
N LEU D 320 11.05 -16.05 20.75
CA LEU D 320 12.04 -14.94 20.78
C LEU D 320 11.55 -13.66 20.11
N ARG D 321 10.92 -13.83 18.94
CA ARG D 321 10.28 -12.71 18.25
C ARG D 321 9.26 -12.03 19.14
N ASP D 322 8.36 -12.84 19.68
CA ASP D 322 7.30 -12.35 20.57
C ASP D 322 7.85 -11.59 21.79
N ILE D 323 8.95 -12.08 22.35
CA ILE D 323 9.62 -11.36 23.43
C ILE D 323 10.03 -9.94 22.99
N LEU D 324 10.69 -9.84 21.85
CA LEU D 324 11.12 -8.53 21.37
C LEU D 324 9.94 -7.64 20.94
N LEU D 325 8.85 -8.23 20.43
CA LEU D 325 7.65 -7.48 20.03
C LEU D 325 6.95 -6.91 21.24
N GLN D 326 6.96 -7.65 22.37
CA GLN D 326 6.42 -7.13 23.63
C GLN D 326 7.24 -5.91 24.08
N GLY D 327 8.56 -5.92 23.83
CA GLY D 327 9.40 -4.74 24.00
C GLY D 327 8.88 -3.51 23.24
N LEU D 328 8.60 -3.70 21.94
CA LEU D 328 8.03 -2.62 21.09
C LEU D 328 6.66 -2.09 21.57
N LYS D 329 5.75 -3.00 21.92
CA LYS D 329 4.44 -2.61 22.49
C LYS D 329 4.59 -1.84 23.79
N ALA D 330 5.59 -2.24 24.58
CA ALA D 330 5.84 -1.64 25.90
C ALA D 330 6.31 -0.18 25.80
N ILE D 331 6.96 0.18 24.70
CA ILE D 331 7.33 1.58 24.43
C ILE D 331 6.33 2.31 23.52
N GLY D 332 5.18 1.70 23.23
CA GLY D 332 4.12 2.35 22.44
C GLY D 332 4.38 2.38 20.94
N SER D 333 5.09 1.37 20.43
CA SER D 333 5.37 1.24 19.02
C SER D 333 4.93 -0.14 18.50
N LYS D 334 5.37 -0.49 17.30
CA LYS D 334 4.97 -1.74 16.67
C LYS D 334 6.05 -2.07 15.68
N ASP D 335 6.06 -3.31 15.22
CA ASP D 335 7.01 -3.68 14.15
C ASP D 335 6.54 -3.12 12.80
N ASP D 336 6.90 -1.86 12.56
CA ASP D 336 6.66 -1.15 11.30
C ASP D 336 7.87 -1.17 10.35
N GLY D 337 8.94 -1.89 10.70
CA GLY D 337 10.11 -1.99 9.84
C GLY D 337 11.03 -0.77 9.75
N LYS D 338 10.76 0.30 10.53
CA LYS D 338 11.63 1.51 10.61
C LYS D 338 12.76 1.25 11.61
N LEU D 339 13.99 1.37 11.14
CA LEU D 339 15.15 1.18 11.99
C LEU D 339 15.50 2.45 12.79
N ASP D 340 14.95 3.58 12.35
CA ASP D 340 15.14 4.87 13.00
C ASP D 340 16.58 5.33 13.19
N LEU D 341 17.42 5.12 12.20
CA LEU D 341 18.80 5.56 12.33
C LEU D 341 19.30 6.30 11.10
#